data_1SP2
# 
_entry.id   1SP2 
# 
_audit_conform.dict_name       mmcif_pdbx.dic 
_audit_conform.dict_version    5.392 
_audit_conform.dict_location   http://mmcif.pdb.org/dictionaries/ascii/mmcif_pdbx.dic 
# 
loop_
_database_2.database_id 
_database_2.database_code 
_database_2.pdbx_database_accession 
_database_2.pdbx_DOI 
PDB   1SP2         pdb_00001sp2 10.2210/pdb1sp2/pdb 
WWPDB D_1000176456 ?            ?                   
# 
loop_
_pdbx_audit_revision_history.ordinal 
_pdbx_audit_revision_history.data_content_type 
_pdbx_audit_revision_history.major_revision 
_pdbx_audit_revision_history.minor_revision 
_pdbx_audit_revision_history.revision_date 
1 'Structure model' 1 0 1997-04-21 
2 'Structure model' 1 1 2008-03-24 
3 'Structure model' 1 2 2011-07-13 
4 'Structure model' 1 3 2021-10-27 
5 'Structure model' 1 4 2024-05-22 
# 
_pdbx_audit_revision_details.ordinal             1 
_pdbx_audit_revision_details.revision_ordinal    1 
_pdbx_audit_revision_details.data_content_type   'Structure model' 
_pdbx_audit_revision_details.provider            repository 
_pdbx_audit_revision_details.type                'Initial release' 
_pdbx_audit_revision_details.description         ? 
_pdbx_audit_revision_details.details             ? 
# 
loop_
_pdbx_audit_revision_group.ordinal 
_pdbx_audit_revision_group.revision_ordinal 
_pdbx_audit_revision_group.data_content_type 
_pdbx_audit_revision_group.group 
1 2 'Structure model' 'Version format compliance' 
2 3 'Structure model' 'Version format compliance' 
3 4 'Structure model' 'Data collection'           
4 4 'Structure model' 'Database references'       
5 4 'Structure model' 'Derived calculations'      
6 4 'Structure model' Other                       
7 4 'Structure model' 'Source and taxonomy'       
8 4 'Structure model' 'Structure summary'         
9 5 'Structure model' 'Data collection'           
# 
loop_
_pdbx_audit_revision_category.ordinal 
_pdbx_audit_revision_category.revision_ordinal 
_pdbx_audit_revision_category.data_content_type 
_pdbx_audit_revision_category.category 
1  4 'Structure model' database_2              
2  4 'Structure model' entity                  
3  4 'Structure model' entity_src_gen          
4  4 'Structure model' pdbx_database_status    
5  4 'Structure model' pdbx_entity_src_syn     
6  4 'Structure model' pdbx_nmr_representative 
7  4 'Structure model' pdbx_nmr_software       
8  4 'Structure model' pdbx_nmr_spectrometer   
9  4 'Structure model' pdbx_struct_assembly    
10 4 'Structure model' pdbx_struct_oper_list   
11 4 'Structure model' struct_conn             
12 4 'Structure model' struct_site             
13 5 'Structure model' chem_comp_atom          
14 5 'Structure model' chem_comp_bond          
# 
loop_
_pdbx_audit_revision_item.ordinal 
_pdbx_audit_revision_item.revision_ordinal 
_pdbx_audit_revision_item.data_content_type 
_pdbx_audit_revision_item.item 
1  4 'Structure model' '_database_2.pdbx_DOI'                
2  4 'Structure model' '_database_2.pdbx_database_accession' 
3  4 'Structure model' '_entity.src_method'                  
4  4 'Structure model' '_pdbx_database_status.process_site'  
5  4 'Structure model' '_pdbx_nmr_software.authors'          
6  4 'Structure model' '_pdbx_nmr_software.classification'   
7  4 'Structure model' '_pdbx_nmr_software.name'             
8  4 'Structure model' '_pdbx_nmr_spectrometer.manufacturer' 
9  4 'Structure model' '_pdbx_nmr_spectrometer.model'        
10 4 'Structure model' '_struct_conn.ptnr1_auth_comp_id'     
11 4 'Structure model' '_struct_conn.ptnr1_auth_seq_id'      
12 4 'Structure model' '_struct_conn.ptnr1_label_asym_id'    
13 4 'Structure model' '_struct_conn.ptnr1_label_atom_id'    
14 4 'Structure model' '_struct_conn.ptnr1_label_comp_id'    
15 4 'Structure model' '_struct_conn.ptnr1_label_seq_id'     
16 4 'Structure model' '_struct_conn.ptnr2_auth_comp_id'     
17 4 'Structure model' '_struct_conn.ptnr2_auth_seq_id'      
18 4 'Structure model' '_struct_conn.ptnr2_label_asym_id'    
19 4 'Structure model' '_struct_conn.ptnr2_label_atom_id'    
20 4 'Structure model' '_struct_conn.ptnr2_label_comp_id'    
21 4 'Structure model' '_struct_conn.ptnr2_label_seq_id'     
22 4 'Structure model' '_struct_site.pdbx_auth_asym_id'      
23 4 'Structure model' '_struct_site.pdbx_auth_comp_id'      
24 4 'Structure model' '_struct_site.pdbx_auth_seq_id'       
# 
_pdbx_database_status.status_code                     REL 
_pdbx_database_status.entry_id                        1SP2 
_pdbx_database_status.recvd_initial_deposition_date   1996-11-21 
_pdbx_database_status.deposit_site                    ? 
_pdbx_database_status.process_site                    BNL 
_pdbx_database_status.status_code_sf                  ? 
_pdbx_database_status.status_code_mr                  REL 
_pdbx_database_status.SG_entry                        ? 
_pdbx_database_status.pdb_format_compatible           Y 
_pdbx_database_status.status_code_cs                  ? 
_pdbx_database_status.status_code_nmr_data            ? 
_pdbx_database_status.methods_development_category    ? 
# 
loop_
_audit_author.name 
_audit_author.pdbx_ordinal 
'Narayan, V.A.'   1 
'Kriwacki, R.W.'  2 
'Caradonna, J.P.' 3 
# 
_citation.id                        primary 
_citation.title                     
'Structures of zinc finger domains from transcription factor Sp1. Insights into sequence-specific protein-DNA recognition.' 
_citation.journal_abbrev            J.Biol.Chem. 
_citation.journal_volume            272 
_citation.page_first                7801 
_citation.page_last                 7809 
_citation.year                      1997 
_citation.journal_id_ASTM           JBCHA3 
_citation.country                   US 
_citation.journal_id_ISSN           0021-9258 
_citation.journal_id_CSD            0071 
_citation.book_publisher            ? 
_citation.pdbx_database_id_PubMed   9065444 
_citation.pdbx_database_id_DOI      10.1074/jbc.272.12.7801 
# 
loop_
_citation_author.citation_id 
_citation_author.name 
_citation_author.ordinal 
_citation_author.identifier_ORCID 
primary 'Narayan, V.A.'   1 ? 
primary 'Kriwacki, R.W.'  2 ? 
primary 'Caradonna, J.P.' 3 ? 
# 
loop_
_entity.id 
_entity.type 
_entity.src_method 
_entity.pdbx_description 
_entity.formula_weight 
_entity.pdbx_number_of_molecules 
_entity.pdbx_ec 
_entity.pdbx_mutation 
_entity.pdbx_fragment 
_entity.details 
1 polymer     syn SP1F2      3853.421 1 ? ? 'ZINC FINGER DNA BINDING DOMAIN' 
'DOES NOT BIND DNA SPECIFICALLY AS A SINGLE ZINC FINGER' 
2 non-polymer syn 'ZINC ION' 65.409   1 ? ? ?                                ? 
# 
_entity_name_com.entity_id   1 
_entity_name_com.name        'TRANSCRIPTION FACTOR SP1' 
# 
_entity_poly.entity_id                      1 
_entity_poly.type                           'polypeptide(L)' 
_entity_poly.nstd_linkage                   no 
_entity_poly.nstd_monomer                   no 
_entity_poly.pdbx_seq_one_letter_code       RPFMCTWSYCGKRFTRSDELQRHKRTHTGEK 
_entity_poly.pdbx_seq_one_letter_code_can   RPFMCTWSYCGKRFTRSDELQRHKRTHTGEK 
_entity_poly.pdbx_strand_id                 A 
_entity_poly.pdbx_target_identifier         ? 
# 
_pdbx_entity_nonpoly.entity_id   2 
_pdbx_entity_nonpoly.name        'ZINC ION' 
_pdbx_entity_nonpoly.comp_id     ZN 
# 
loop_
_entity_poly_seq.entity_id 
_entity_poly_seq.num 
_entity_poly_seq.mon_id 
_entity_poly_seq.hetero 
1 1  ARG n 
1 2  PRO n 
1 3  PHE n 
1 4  MET n 
1 5  CYS n 
1 6  THR n 
1 7  TRP n 
1 8  SER n 
1 9  TYR n 
1 10 CYS n 
1 11 GLY n 
1 12 LYS n 
1 13 ARG n 
1 14 PHE n 
1 15 THR n 
1 16 ARG n 
1 17 SER n 
1 18 ASP n 
1 19 GLU n 
1 20 LEU n 
1 21 GLN n 
1 22 ARG n 
1 23 HIS n 
1 24 LYS n 
1 25 ARG n 
1 26 THR n 
1 27 HIS n 
1 28 THR n 
1 29 GLY n 
1 30 GLU n 
1 31 LYS n 
# 
_pdbx_entity_src_syn.entity_id              1 
_pdbx_entity_src_syn.pdbx_src_id            1 
_pdbx_entity_src_syn.pdbx_alt_source_flag   sample 
_pdbx_entity_src_syn.pdbx_beg_seq_num       ? 
_pdbx_entity_src_syn.pdbx_end_seq_num       ? 
_pdbx_entity_src_syn.organism_scientific    'Homo sapiens' 
_pdbx_entity_src_syn.organism_common_name   human 
_pdbx_entity_src_syn.ncbi_taxonomy_id       9606 
_pdbx_entity_src_syn.details                ? 
# 
loop_
_chem_comp.id 
_chem_comp.type 
_chem_comp.mon_nstd_flag 
_chem_comp.name 
_chem_comp.pdbx_synonyms 
_chem_comp.formula 
_chem_comp.formula_weight 
ARG 'L-peptide linking' y ARGININE        ? 'C6 H15 N4 O2 1' 175.209 
ASP 'L-peptide linking' y 'ASPARTIC ACID' ? 'C4 H7 N O4'     133.103 
CYS 'L-peptide linking' y CYSTEINE        ? 'C3 H7 N O2 S'   121.158 
GLN 'L-peptide linking' y GLUTAMINE       ? 'C5 H10 N2 O3'   146.144 
GLU 'L-peptide linking' y 'GLUTAMIC ACID' ? 'C5 H9 N O4'     147.129 
GLY 'peptide linking'   y GLYCINE         ? 'C2 H5 N O2'     75.067  
HIS 'L-peptide linking' y HISTIDINE       ? 'C6 H10 N3 O2 1' 156.162 
LEU 'L-peptide linking' y LEUCINE         ? 'C6 H13 N O2'    131.173 
LYS 'L-peptide linking' y LYSINE          ? 'C6 H15 N2 O2 1' 147.195 
MET 'L-peptide linking' y METHIONINE      ? 'C5 H11 N O2 S'  149.211 
PHE 'L-peptide linking' y PHENYLALANINE   ? 'C9 H11 N O2'    165.189 
PRO 'L-peptide linking' y PROLINE         ? 'C5 H9 N O2'     115.130 
SER 'L-peptide linking' y SERINE          ? 'C3 H7 N O3'     105.093 
THR 'L-peptide linking' y THREONINE       ? 'C4 H9 N O3'     119.119 
TRP 'L-peptide linking' y TRYPTOPHAN      ? 'C11 H12 N2 O2'  204.225 
TYR 'L-peptide linking' y TYROSINE        ? 'C9 H11 N O3'    181.189 
ZN  non-polymer         . 'ZINC ION'      ? 'Zn 2'           65.409  
# 
loop_
_pdbx_poly_seq_scheme.asym_id 
_pdbx_poly_seq_scheme.entity_id 
_pdbx_poly_seq_scheme.seq_id 
_pdbx_poly_seq_scheme.mon_id 
_pdbx_poly_seq_scheme.ndb_seq_num 
_pdbx_poly_seq_scheme.pdb_seq_num 
_pdbx_poly_seq_scheme.auth_seq_num 
_pdbx_poly_seq_scheme.pdb_mon_id 
_pdbx_poly_seq_scheme.auth_mon_id 
_pdbx_poly_seq_scheme.pdb_strand_id 
_pdbx_poly_seq_scheme.pdb_ins_code 
_pdbx_poly_seq_scheme.hetero 
A 1 1  ARG 1  1  1  ARG ARG A . n 
A 1 2  PRO 2  2  2  PRO PRO A . n 
A 1 3  PHE 3  3  3  PHE PHE A . n 
A 1 4  MET 4  4  4  MET MET A . n 
A 1 5  CYS 5  5  5  CYS CYS A . n 
A 1 6  THR 6  6  6  THR THR A . n 
A 1 7  TRP 7  7  7  TRP TRP A . n 
A 1 8  SER 8  8  8  SER SER A . n 
A 1 9  TYR 9  9  9  TYR TYR A . n 
A 1 10 CYS 10 10 10 CYS CYS A . n 
A 1 11 GLY 11 11 11 GLY GLY A . n 
A 1 12 LYS 12 12 12 LYS LYS A . n 
A 1 13 ARG 13 13 13 ARG ARG A . n 
A 1 14 PHE 14 14 14 PHE PHE A . n 
A 1 15 THR 15 15 15 THR THR A . n 
A 1 16 ARG 16 16 16 ARG ARG A . n 
A 1 17 SER 17 17 17 SER SER A . n 
A 1 18 ASP 18 18 18 ASP ASP A . n 
A 1 19 GLU 19 19 19 GLU GLU A . n 
A 1 20 LEU 20 20 20 LEU LEU A . n 
A 1 21 GLN 21 21 21 GLN GLN A . n 
A 1 22 ARG 22 22 22 ARG ARG A . n 
A 1 23 HIS 23 23 23 HIS HIS A . n 
A 1 24 LYS 24 24 24 LYS LYS A . n 
A 1 25 ARG 25 25 25 ARG ARG A . n 
A 1 26 THR 26 26 26 THR THR A . n 
A 1 27 HIS 27 27 27 HIS HIS A . n 
A 1 28 THR 28 28 28 THR THR A . n 
A 1 29 GLY 29 29 29 GLY GLY A . n 
A 1 30 GLU 30 30 30 GLU GLU A . n 
A 1 31 LYS 31 31 31 LYS LYS A . n 
# 
_pdbx_nonpoly_scheme.asym_id         B 
_pdbx_nonpoly_scheme.entity_id       2 
_pdbx_nonpoly_scheme.mon_id          ZN 
_pdbx_nonpoly_scheme.ndb_seq_num     1 
_pdbx_nonpoly_scheme.pdb_seq_num     32 
_pdbx_nonpoly_scheme.auth_seq_num    32 
_pdbx_nonpoly_scheme.pdb_mon_id      ZN 
_pdbx_nonpoly_scheme.auth_mon_id     ZN 
_pdbx_nonpoly_scheme.pdb_strand_id   A 
_pdbx_nonpoly_scheme.pdb_ins_code    . 
# 
loop_
_software.name 
_software.classification 
_software.version 
_software.citation_id 
_software.pdbx_ordinal 
X-PLOR 'model building' . ? 1 
X-PLOR refinement       . ? 2 
X-PLOR phasing          . ? 3 
# 
_cell.entry_id           1SP2 
_cell.length_a           1.000 
_cell.length_b           1.000 
_cell.length_c           1.000 
_cell.angle_alpha        90.00 
_cell.angle_beta         90.00 
_cell.angle_gamma        90.00 
_cell.Z_PDB              1 
_cell.pdbx_unique_axis   ? 
# 
_symmetry.entry_id                         1SP2 
_symmetry.space_group_name_H-M             'P 1' 
_symmetry.pdbx_full_space_group_name_H-M   ? 
_symmetry.cell_setting                     ? 
_symmetry.Int_Tables_number                1 
# 
_exptl.entry_id          1SP2 
_exptl.method            'SOLUTION NMR' 
_exptl.crystals_number   ? 
# 
_struct.entry_id                  1SP2 
_struct.title                     
'NMR STRUCTURE OF A ZINC FINGER DOMAIN FROM TRANSCRIPTION FACTOR SP1F2, MINIMIZED AVERAGE STRUCTURE' 
_struct.pdbx_model_details        ? 
_struct.pdbx_CASP_flag            ? 
_struct.pdbx_model_type_details   ? 
# 
_struct_keywords.entry_id        1SP2 
_struct_keywords.pdbx_keywords   'ZINC FINGER' 
_struct_keywords.text            'ZINC FINGER, TRANSCRIPTION ACTIVATION, SP1' 
# 
loop_
_struct_asym.id 
_struct_asym.pdbx_blank_PDB_chainid_flag 
_struct_asym.pdbx_modified 
_struct_asym.entity_id 
_struct_asym.details 
A Y N 1 ? 
B N N 2 ? 
# 
_struct_ref.id                         1 
_struct_ref.db_name                    UNP 
_struct_ref.db_code                    SP1_HUMAN 
_struct_ref.entity_id                  1 
_struct_ref.pdbx_db_accession          P08047 
_struct_ref.pdbx_align_begin           1 
_struct_ref.pdbx_seq_one_letter_code   
;TGELDLTATQLSQGANGWQIISSSSGATPTSKEQSGSSTNGSNGSESSKNRTVSGGQYVVAAAPNLQNQQVLTGLPGVMP
NIQYQVIPQFQTVDGQQLQFAATGAQVQQDGSGQIQIIPGANQQIITNRGSGGNIIAAMPNLLQQAVPLQGLANNVLSGQ
TQYVTNVPVALNGNITLLPVNSVSAATLTPSSQAVTISSSGSQESGSQPVTSGTTISSASLVSSQASSSSFFTNANSYST
TTTTSNMGIMNFTTSGSSGTNSQGQTPQRVSGLQGSDALNIQQNQTSGGSLQAGQQKEGEQNQQTQQQQILIQPQLVQGG
QALQALQAAPLSGQTFTTQAISQETLQNLQLQAVPNSGPIIIRTPTVGPNGQVSWQTLQLQNLQVQNPQAQTITLAPMQG
VSLGQTSSSNTTLTPIASAASIPAGTVTVNAAQLSSMPGLQTINLSALGTSGIQVHPIQGLPLAIANAPGDHGAQLGLHG
AGGDGIHDDTAGGEEGENSPDAQPQAGRRTRREACTCPYCKDSEGRGSGDPGKKKQHICHIQGCGKVYGKTSHLRAHLRW
HTGERPFMCTWSYCGKRFTRSDELQRHKRTHTGEKKFACPECPKRFMRSDHLSKHIKTHQNKKGGPGVALSVGTLPLDSG
AGSEGSGTATPSALITTNMVAMEAICPEGIARLANSGINVMQVADLQSINISGNGF
;
_struct_ref.pdbx_db_isoform            ? 
# 
_struct_ref_seq.align_id                      1 
_struct_ref_seq.ref_id                        1 
_struct_ref_seq.pdbx_PDB_id_code              1SP2 
_struct_ref_seq.pdbx_strand_id                A 
_struct_ref_seq.seq_align_beg                 1 
_struct_ref_seq.pdbx_seq_align_beg_ins_code   ? 
_struct_ref_seq.seq_align_end                 31 
_struct_ref_seq.pdbx_seq_align_end_ins_code   ? 
_struct_ref_seq.pdbx_db_accession             P08047 
_struct_ref_seq.db_align_beg                  565 
_struct_ref_seq.pdbx_db_align_beg_ins_code    ? 
_struct_ref_seq.db_align_end                  595 
_struct_ref_seq.pdbx_db_align_end_ins_code    ? 
_struct_ref_seq.pdbx_auth_seq_align_beg       1 
_struct_ref_seq.pdbx_auth_seq_align_end       31 
# 
_pdbx_struct_assembly.id                   1 
_pdbx_struct_assembly.details              author_defined_assembly 
_pdbx_struct_assembly.method_details       ? 
_pdbx_struct_assembly.oligomeric_details   monomeric 
_pdbx_struct_assembly.oligomeric_count     1 
# 
_pdbx_struct_assembly_gen.assembly_id       1 
_pdbx_struct_assembly_gen.oper_expression   1 
_pdbx_struct_assembly_gen.asym_id_list      A,B 
# 
_pdbx_struct_oper_list.id                   1 
_pdbx_struct_oper_list.type                 'identity operation' 
_pdbx_struct_oper_list.name                 1_555 
_pdbx_struct_oper_list.symmetry_operation   ? 
_pdbx_struct_oper_list.matrix[1][1]         1.0000000000 
_pdbx_struct_oper_list.matrix[1][2]         0.0000000000 
_pdbx_struct_oper_list.matrix[1][3]         0.0000000000 
_pdbx_struct_oper_list.vector[1]            0.0000000000 
_pdbx_struct_oper_list.matrix[2][1]         0.0000000000 
_pdbx_struct_oper_list.matrix[2][2]         1.0000000000 
_pdbx_struct_oper_list.matrix[2][3]         0.0000000000 
_pdbx_struct_oper_list.vector[2]            0.0000000000 
_pdbx_struct_oper_list.matrix[3][1]         0.0000000000 
_pdbx_struct_oper_list.matrix[3][2]         0.0000000000 
_pdbx_struct_oper_list.matrix[3][3]         1.0000000000 
_pdbx_struct_oper_list.vector[3]            0.0000000000 
# 
_struct_conf.conf_type_id            HELX_P 
_struct_conf.id                      HELX_P1 
_struct_conf.pdbx_PDB_helix_id       1 
_struct_conf.beg_label_comp_id       SER 
_struct_conf.beg_label_asym_id       A 
_struct_conf.beg_label_seq_id        17 
_struct_conf.pdbx_beg_PDB_ins_code   ? 
_struct_conf.end_label_comp_id       THR 
_struct_conf.end_label_asym_id       A 
_struct_conf.end_label_seq_id        26 
_struct_conf.pdbx_end_PDB_ins_code   ? 
_struct_conf.beg_auth_comp_id        SER 
_struct_conf.beg_auth_asym_id        A 
_struct_conf.beg_auth_seq_id         17 
_struct_conf.end_auth_comp_id        THR 
_struct_conf.end_auth_asym_id        A 
_struct_conf.end_auth_seq_id         26 
_struct_conf.pdbx_PDB_helix_class    1 
_struct_conf.details                 ? 
_struct_conf.pdbx_PDB_helix_length   10 
# 
_struct_conf_type.id          HELX_P 
_struct_conf_type.criteria    ? 
_struct_conf_type.reference   ? 
# 
loop_
_struct_conn.id 
_struct_conn.conn_type_id 
_struct_conn.pdbx_leaving_atom_flag 
_struct_conn.pdbx_PDB_id 
_struct_conn.ptnr1_label_asym_id 
_struct_conn.ptnr1_label_comp_id 
_struct_conn.ptnr1_label_seq_id 
_struct_conn.ptnr1_label_atom_id 
_struct_conn.pdbx_ptnr1_label_alt_id 
_struct_conn.pdbx_ptnr1_PDB_ins_code 
_struct_conn.pdbx_ptnr1_standard_comp_id 
_struct_conn.ptnr1_symmetry 
_struct_conn.ptnr2_label_asym_id 
_struct_conn.ptnr2_label_comp_id 
_struct_conn.ptnr2_label_seq_id 
_struct_conn.ptnr2_label_atom_id 
_struct_conn.pdbx_ptnr2_label_alt_id 
_struct_conn.pdbx_ptnr2_PDB_ins_code 
_struct_conn.ptnr1_auth_asym_id 
_struct_conn.ptnr1_auth_comp_id 
_struct_conn.ptnr1_auth_seq_id 
_struct_conn.ptnr2_auth_asym_id 
_struct_conn.ptnr2_auth_comp_id 
_struct_conn.ptnr2_auth_seq_id 
_struct_conn.ptnr2_symmetry 
_struct_conn.pdbx_ptnr3_label_atom_id 
_struct_conn.pdbx_ptnr3_label_seq_id 
_struct_conn.pdbx_ptnr3_label_comp_id 
_struct_conn.pdbx_ptnr3_label_asym_id 
_struct_conn.pdbx_ptnr3_label_alt_id 
_struct_conn.pdbx_ptnr3_PDB_ins_code 
_struct_conn.details 
_struct_conn.pdbx_dist_value 
_struct_conn.pdbx_value_order 
_struct_conn.pdbx_role 
metalc1 metalc ? ? A CYS 5  SG  ? ? ? 1_555 B ZN . ZN ? ? A CYS 5  A ZN 32 1_555 ? ? ? ? ? ? ? 2.247 ? ? 
metalc2 metalc ? ? A CYS 10 SG  ? ? ? 1_555 B ZN . ZN ? ? A CYS 10 A ZN 32 1_555 ? ? ? ? ? ? ? 2.246 ? ? 
metalc3 metalc ? ? A HIS 23 NE2 ? ? ? 1_555 B ZN . ZN ? ? A HIS 23 A ZN 32 1_555 ? ? ? ? ? ? ? 2.033 ? ? 
metalc4 metalc ? ? A HIS 27 NE2 ? ? ? 1_555 B ZN . ZN ? ? A HIS 27 A ZN 32 1_555 ? ? ? ? ? ? ? 2.124 ? ? 
# 
_struct_conn_type.id          metalc 
_struct_conn_type.criteria    ? 
_struct_conn_type.reference   ? 
# 
loop_
_pdbx_struct_conn_angle.id 
_pdbx_struct_conn_angle.ptnr1_label_atom_id 
_pdbx_struct_conn_angle.ptnr1_label_alt_id 
_pdbx_struct_conn_angle.ptnr1_label_asym_id 
_pdbx_struct_conn_angle.ptnr1_label_comp_id 
_pdbx_struct_conn_angle.ptnr1_label_seq_id 
_pdbx_struct_conn_angle.ptnr1_auth_atom_id 
_pdbx_struct_conn_angle.ptnr1_auth_asym_id 
_pdbx_struct_conn_angle.ptnr1_auth_comp_id 
_pdbx_struct_conn_angle.ptnr1_auth_seq_id 
_pdbx_struct_conn_angle.ptnr1_PDB_ins_code 
_pdbx_struct_conn_angle.ptnr1_symmetry 
_pdbx_struct_conn_angle.ptnr2_label_atom_id 
_pdbx_struct_conn_angle.ptnr2_label_alt_id 
_pdbx_struct_conn_angle.ptnr2_label_asym_id 
_pdbx_struct_conn_angle.ptnr2_label_comp_id 
_pdbx_struct_conn_angle.ptnr2_label_seq_id 
_pdbx_struct_conn_angle.ptnr2_auth_atom_id 
_pdbx_struct_conn_angle.ptnr2_auth_asym_id 
_pdbx_struct_conn_angle.ptnr2_auth_comp_id 
_pdbx_struct_conn_angle.ptnr2_auth_seq_id 
_pdbx_struct_conn_angle.ptnr2_PDB_ins_code 
_pdbx_struct_conn_angle.ptnr2_symmetry 
_pdbx_struct_conn_angle.ptnr3_label_atom_id 
_pdbx_struct_conn_angle.ptnr3_label_alt_id 
_pdbx_struct_conn_angle.ptnr3_label_asym_id 
_pdbx_struct_conn_angle.ptnr3_label_comp_id 
_pdbx_struct_conn_angle.ptnr3_label_seq_id 
_pdbx_struct_conn_angle.ptnr3_auth_atom_id 
_pdbx_struct_conn_angle.ptnr3_auth_asym_id 
_pdbx_struct_conn_angle.ptnr3_auth_comp_id 
_pdbx_struct_conn_angle.ptnr3_auth_seq_id 
_pdbx_struct_conn_angle.ptnr3_PDB_ins_code 
_pdbx_struct_conn_angle.ptnr3_symmetry 
_pdbx_struct_conn_angle.value 
_pdbx_struct_conn_angle.value_esd 
1 SG  ? A CYS 5  ? A CYS 5  ? 1_555 ZN ? B ZN . ? A ZN 32 ? 1_555 SG  ? A CYS 10 ? A CYS 10 ? 1_555 111.0 ? 
2 SG  ? A CYS 5  ? A CYS 5  ? 1_555 ZN ? B ZN . ? A ZN 32 ? 1_555 NE2 ? A HIS 23 ? A HIS 23 ? 1_555 111.5 ? 
3 SG  ? A CYS 10 ? A CYS 10 ? 1_555 ZN ? B ZN . ? A ZN 32 ? 1_555 NE2 ? A HIS 23 ? A HIS 23 ? 1_555 110.8 ? 
4 SG  ? A CYS 5  ? A CYS 5  ? 1_555 ZN ? B ZN . ? A ZN 32 ? 1_555 NE2 ? A HIS 27 ? A HIS 27 ? 1_555 107.6 ? 
5 SG  ? A CYS 10 ? A CYS 10 ? 1_555 ZN ? B ZN . ? A ZN 32 ? 1_555 NE2 ? A HIS 27 ? A HIS 27 ? 1_555 108.2 ? 
6 NE2 ? A HIS 23 ? A HIS 23 ? 1_555 ZN ? B ZN . ? A ZN 32 ? 1_555 NE2 ? A HIS 27 ? A HIS 27 ? 1_555 107.5 ? 
# 
loop_
_struct_site.id 
_struct_site.pdbx_evidence_code 
_struct_site.pdbx_auth_asym_id 
_struct_site.pdbx_auth_comp_id 
_struct_site.pdbx_auth_seq_id 
_struct_site.pdbx_auth_ins_code 
_struct_site.pdbx_num_residues 
_struct_site.details 
S1  Unknown  ? ?  ?  ? 2 'PROPOSED DNA BINDING RESIDUES.'   
AC1 Software A ZN 32 ? 4 'BINDING SITE FOR RESIDUE ZN A 32' 
# 
loop_
_struct_site_gen.id 
_struct_site_gen.site_id 
_struct_site_gen.pdbx_num_res 
_struct_site_gen.label_comp_id 
_struct_site_gen.label_asym_id 
_struct_site_gen.label_seq_id 
_struct_site_gen.pdbx_auth_ins_code 
_struct_site_gen.auth_comp_id 
_struct_site_gen.auth_asym_id 
_struct_site_gen.auth_seq_id 
_struct_site_gen.label_atom_id 
_struct_site_gen.label_alt_id 
_struct_site_gen.symmetry 
_struct_site_gen.details 
1 S1  2 ARG A 16 ? ARG A 16 . ? 1_555 ? 
2 S1  2 ARG A 22 ? ARG A 22 . ? 1_555 ? 
3 AC1 4 CYS A 5  ? CYS A 5  . ? 1_555 ? 
4 AC1 4 CYS A 10 ? CYS A 10 . ? 1_555 ? 
5 AC1 4 HIS A 23 ? HIS A 23 . ? 1_555 ? 
6 AC1 4 HIS A 27 ? HIS A 27 . ? 1_555 ? 
# 
loop_
_pdbx_validate_torsion.id 
_pdbx_validate_torsion.PDB_model_num 
_pdbx_validate_torsion.auth_comp_id 
_pdbx_validate_torsion.auth_asym_id 
_pdbx_validate_torsion.auth_seq_id 
_pdbx_validate_torsion.PDB_ins_code 
_pdbx_validate_torsion.label_alt_id 
_pdbx_validate_torsion.phi 
_pdbx_validate_torsion.psi 
1 1 CYS A 10 ? ? -104.24 -93.30 
2 1 ARG A 16 ? ? 179.35  120.49 
3 1 GLU A 30 ? ? 43.70   81.38  
# 
loop_
_pdbx_validate_planes.id 
_pdbx_validate_planes.PDB_model_num 
_pdbx_validate_planes.auth_comp_id 
_pdbx_validate_planes.auth_asym_id 
_pdbx_validate_planes.auth_seq_id 
_pdbx_validate_planes.PDB_ins_code 
_pdbx_validate_planes.label_alt_id 
_pdbx_validate_planes.rmsd 
_pdbx_validate_planes.type 
1 1 ARG A 1  ? ? 0.204 'SIDE CHAIN' 
2 1 ARG A 13 ? ? 0.249 'SIDE CHAIN' 
3 1 ARG A 16 ? ? 0.301 'SIDE CHAIN' 
4 1 ARG A 22 ? ? 0.310 'SIDE CHAIN' 
5 1 ARG A 25 ? ? 0.316 'SIDE CHAIN' 
# 
_pdbx_nmr_ensemble.entry_id                             1SP2 
_pdbx_nmr_ensemble.conformers_calculated_total_number   100 
_pdbx_nmr_ensemble.conformers_submitted_total_number    1 
_pdbx_nmr_ensemble.conformer_selection_criteria         'MEAN STRUCTURE' 
# 
_pdbx_nmr_representative.conformer_id         1 
_pdbx_nmr_representative.entry_id             1SP2 
_pdbx_nmr_representative.selection_criteria   ? 
# 
_pdbx_nmr_exptl_sample_conditions.conditions_id          1 
_pdbx_nmr_exptl_sample_conditions.temperature            288 
_pdbx_nmr_exptl_sample_conditions.pressure               ? 
_pdbx_nmr_exptl_sample_conditions.pH                     5.9 
_pdbx_nmr_exptl_sample_conditions.ionic_strength         ? 
_pdbx_nmr_exptl_sample_conditions.pressure_units         . 
_pdbx_nmr_exptl_sample_conditions.temperature_units      K 
_pdbx_nmr_exptl_sample_conditions.label                  ? 
_pdbx_nmr_exptl_sample_conditions.pH_units               ? 
_pdbx_nmr_exptl_sample_conditions.ionic_strength_units   ? 
# 
loop_
_pdbx_nmr_exptl.experiment_id 
_pdbx_nmr_exptl.conditions_id 
_pdbx_nmr_exptl.type 
_pdbx_nmr_exptl.solution_id 
1 1 NOESY 1 
2 1 COSY  1 
3 1 TOCSY 1 
# 
_pdbx_nmr_refine.entry_id           1SP2 
_pdbx_nmr_refine.method             'DISTANCE GEOMETRY, SIMULATED ANNEALING' 
_pdbx_nmr_refine.details            'MULTIPLE ROUNDS OF SIMULATED ANNEALING REFINEMENT PROTOCOL OF X-PLOR' 
_pdbx_nmr_refine.software_ordinal   1 
# 
loop_
_pdbx_nmr_software.classification 
_pdbx_nmr_software.name 
_pdbx_nmr_software.version 
_pdbx_nmr_software.authors 
_pdbx_nmr_software.ordinal 
refinement              X-PLOR ? BRUNGER                  1 
'structure calculation' Felix  ? 'Accelrys Software Inc.' 2 
'structure calculation' X-PLOR ? BRUNGER                  3 
# 
loop_
_chem_comp_atom.comp_id 
_chem_comp_atom.atom_id 
_chem_comp_atom.type_symbol 
_chem_comp_atom.pdbx_aromatic_flag 
_chem_comp_atom.pdbx_stereo_config 
_chem_comp_atom.pdbx_ordinal 
ARG N    N  N N 1   
ARG CA   C  N S 2   
ARG C    C  N N 3   
ARG O    O  N N 4   
ARG CB   C  N N 5   
ARG CG   C  N N 6   
ARG CD   C  N N 7   
ARG NE   N  N N 8   
ARG CZ   C  N N 9   
ARG NH1  N  N N 10  
ARG NH2  N  N N 11  
ARG OXT  O  N N 12  
ARG H    H  N N 13  
ARG H2   H  N N 14  
ARG HA   H  N N 15  
ARG HB2  H  N N 16  
ARG HB3  H  N N 17  
ARG HG2  H  N N 18  
ARG HG3  H  N N 19  
ARG HD2  H  N N 20  
ARG HD3  H  N N 21  
ARG HE   H  N N 22  
ARG HH11 H  N N 23  
ARG HH12 H  N N 24  
ARG HH21 H  N N 25  
ARG HH22 H  N N 26  
ARG HXT  H  N N 27  
ASP N    N  N N 28  
ASP CA   C  N S 29  
ASP C    C  N N 30  
ASP O    O  N N 31  
ASP CB   C  N N 32  
ASP CG   C  N N 33  
ASP OD1  O  N N 34  
ASP OD2  O  N N 35  
ASP OXT  O  N N 36  
ASP H    H  N N 37  
ASP H2   H  N N 38  
ASP HA   H  N N 39  
ASP HB2  H  N N 40  
ASP HB3  H  N N 41  
ASP HD2  H  N N 42  
ASP HXT  H  N N 43  
CYS N    N  N N 44  
CYS CA   C  N R 45  
CYS C    C  N N 46  
CYS O    O  N N 47  
CYS CB   C  N N 48  
CYS SG   S  N N 49  
CYS OXT  O  N N 50  
CYS H    H  N N 51  
CYS H2   H  N N 52  
CYS HA   H  N N 53  
CYS HB2  H  N N 54  
CYS HB3  H  N N 55  
CYS HG   H  N N 56  
CYS HXT  H  N N 57  
GLN N    N  N N 58  
GLN CA   C  N S 59  
GLN C    C  N N 60  
GLN O    O  N N 61  
GLN CB   C  N N 62  
GLN CG   C  N N 63  
GLN CD   C  N N 64  
GLN OE1  O  N N 65  
GLN NE2  N  N N 66  
GLN OXT  O  N N 67  
GLN H    H  N N 68  
GLN H2   H  N N 69  
GLN HA   H  N N 70  
GLN HB2  H  N N 71  
GLN HB3  H  N N 72  
GLN HG2  H  N N 73  
GLN HG3  H  N N 74  
GLN HE21 H  N N 75  
GLN HE22 H  N N 76  
GLN HXT  H  N N 77  
GLU N    N  N N 78  
GLU CA   C  N S 79  
GLU C    C  N N 80  
GLU O    O  N N 81  
GLU CB   C  N N 82  
GLU CG   C  N N 83  
GLU CD   C  N N 84  
GLU OE1  O  N N 85  
GLU OE2  O  N N 86  
GLU OXT  O  N N 87  
GLU H    H  N N 88  
GLU H2   H  N N 89  
GLU HA   H  N N 90  
GLU HB2  H  N N 91  
GLU HB3  H  N N 92  
GLU HG2  H  N N 93  
GLU HG3  H  N N 94  
GLU HE2  H  N N 95  
GLU HXT  H  N N 96  
GLY N    N  N N 97  
GLY CA   C  N N 98  
GLY C    C  N N 99  
GLY O    O  N N 100 
GLY OXT  O  N N 101 
GLY H    H  N N 102 
GLY H2   H  N N 103 
GLY HA2  H  N N 104 
GLY HA3  H  N N 105 
GLY HXT  H  N N 106 
HIS N    N  N N 107 
HIS CA   C  N S 108 
HIS C    C  N N 109 
HIS O    O  N N 110 
HIS CB   C  N N 111 
HIS CG   C  Y N 112 
HIS ND1  N  Y N 113 
HIS CD2  C  Y N 114 
HIS CE1  C  Y N 115 
HIS NE2  N  Y N 116 
HIS OXT  O  N N 117 
HIS H    H  N N 118 
HIS H2   H  N N 119 
HIS HA   H  N N 120 
HIS HB2  H  N N 121 
HIS HB3  H  N N 122 
HIS HD1  H  N N 123 
HIS HD2  H  N N 124 
HIS HE1  H  N N 125 
HIS HE2  H  N N 126 
HIS HXT  H  N N 127 
LEU N    N  N N 128 
LEU CA   C  N S 129 
LEU C    C  N N 130 
LEU O    O  N N 131 
LEU CB   C  N N 132 
LEU CG   C  N N 133 
LEU CD1  C  N N 134 
LEU CD2  C  N N 135 
LEU OXT  O  N N 136 
LEU H    H  N N 137 
LEU H2   H  N N 138 
LEU HA   H  N N 139 
LEU HB2  H  N N 140 
LEU HB3  H  N N 141 
LEU HG   H  N N 142 
LEU HD11 H  N N 143 
LEU HD12 H  N N 144 
LEU HD13 H  N N 145 
LEU HD21 H  N N 146 
LEU HD22 H  N N 147 
LEU HD23 H  N N 148 
LEU HXT  H  N N 149 
LYS N    N  N N 150 
LYS CA   C  N S 151 
LYS C    C  N N 152 
LYS O    O  N N 153 
LYS CB   C  N N 154 
LYS CG   C  N N 155 
LYS CD   C  N N 156 
LYS CE   C  N N 157 
LYS NZ   N  N N 158 
LYS OXT  O  N N 159 
LYS H    H  N N 160 
LYS H2   H  N N 161 
LYS HA   H  N N 162 
LYS HB2  H  N N 163 
LYS HB3  H  N N 164 
LYS HG2  H  N N 165 
LYS HG3  H  N N 166 
LYS HD2  H  N N 167 
LYS HD3  H  N N 168 
LYS HE2  H  N N 169 
LYS HE3  H  N N 170 
LYS HZ1  H  N N 171 
LYS HZ2  H  N N 172 
LYS HZ3  H  N N 173 
LYS HXT  H  N N 174 
MET N    N  N N 175 
MET CA   C  N S 176 
MET C    C  N N 177 
MET O    O  N N 178 
MET CB   C  N N 179 
MET CG   C  N N 180 
MET SD   S  N N 181 
MET CE   C  N N 182 
MET OXT  O  N N 183 
MET H    H  N N 184 
MET H2   H  N N 185 
MET HA   H  N N 186 
MET HB2  H  N N 187 
MET HB3  H  N N 188 
MET HG2  H  N N 189 
MET HG3  H  N N 190 
MET HE1  H  N N 191 
MET HE2  H  N N 192 
MET HE3  H  N N 193 
MET HXT  H  N N 194 
PHE N    N  N N 195 
PHE CA   C  N S 196 
PHE C    C  N N 197 
PHE O    O  N N 198 
PHE CB   C  N N 199 
PHE CG   C  Y N 200 
PHE CD1  C  Y N 201 
PHE CD2  C  Y N 202 
PHE CE1  C  Y N 203 
PHE CE2  C  Y N 204 
PHE CZ   C  Y N 205 
PHE OXT  O  N N 206 
PHE H    H  N N 207 
PHE H2   H  N N 208 
PHE HA   H  N N 209 
PHE HB2  H  N N 210 
PHE HB3  H  N N 211 
PHE HD1  H  N N 212 
PHE HD2  H  N N 213 
PHE HE1  H  N N 214 
PHE HE2  H  N N 215 
PHE HZ   H  N N 216 
PHE HXT  H  N N 217 
PRO N    N  N N 218 
PRO CA   C  N S 219 
PRO C    C  N N 220 
PRO O    O  N N 221 
PRO CB   C  N N 222 
PRO CG   C  N N 223 
PRO CD   C  N N 224 
PRO OXT  O  N N 225 
PRO H    H  N N 226 
PRO HA   H  N N 227 
PRO HB2  H  N N 228 
PRO HB3  H  N N 229 
PRO HG2  H  N N 230 
PRO HG3  H  N N 231 
PRO HD2  H  N N 232 
PRO HD3  H  N N 233 
PRO HXT  H  N N 234 
SER N    N  N N 235 
SER CA   C  N S 236 
SER C    C  N N 237 
SER O    O  N N 238 
SER CB   C  N N 239 
SER OG   O  N N 240 
SER OXT  O  N N 241 
SER H    H  N N 242 
SER H2   H  N N 243 
SER HA   H  N N 244 
SER HB2  H  N N 245 
SER HB3  H  N N 246 
SER HG   H  N N 247 
SER HXT  H  N N 248 
THR N    N  N N 249 
THR CA   C  N S 250 
THR C    C  N N 251 
THR O    O  N N 252 
THR CB   C  N R 253 
THR OG1  O  N N 254 
THR CG2  C  N N 255 
THR OXT  O  N N 256 
THR H    H  N N 257 
THR H2   H  N N 258 
THR HA   H  N N 259 
THR HB   H  N N 260 
THR HG1  H  N N 261 
THR HG21 H  N N 262 
THR HG22 H  N N 263 
THR HG23 H  N N 264 
THR HXT  H  N N 265 
TRP N    N  N N 266 
TRP CA   C  N S 267 
TRP C    C  N N 268 
TRP O    O  N N 269 
TRP CB   C  N N 270 
TRP CG   C  Y N 271 
TRP CD1  C  Y N 272 
TRP CD2  C  Y N 273 
TRP NE1  N  Y N 274 
TRP CE2  C  Y N 275 
TRP CE3  C  Y N 276 
TRP CZ2  C  Y N 277 
TRP CZ3  C  Y N 278 
TRP CH2  C  Y N 279 
TRP OXT  O  N N 280 
TRP H    H  N N 281 
TRP H2   H  N N 282 
TRP HA   H  N N 283 
TRP HB2  H  N N 284 
TRP HB3  H  N N 285 
TRP HD1  H  N N 286 
TRP HE1  H  N N 287 
TRP HE3  H  N N 288 
TRP HZ2  H  N N 289 
TRP HZ3  H  N N 290 
TRP HH2  H  N N 291 
TRP HXT  H  N N 292 
TYR N    N  N N 293 
TYR CA   C  N S 294 
TYR C    C  N N 295 
TYR O    O  N N 296 
TYR CB   C  N N 297 
TYR CG   C  Y N 298 
TYR CD1  C  Y N 299 
TYR CD2  C  Y N 300 
TYR CE1  C  Y N 301 
TYR CE2  C  Y N 302 
TYR CZ   C  Y N 303 
TYR OH   O  N N 304 
TYR OXT  O  N N 305 
TYR H    H  N N 306 
TYR H2   H  N N 307 
TYR HA   H  N N 308 
TYR HB2  H  N N 309 
TYR HB3  H  N N 310 
TYR HD1  H  N N 311 
TYR HD2  H  N N 312 
TYR HE1  H  N N 313 
TYR HE2  H  N N 314 
TYR HH   H  N N 315 
TYR HXT  H  N N 316 
ZN  ZN   ZN N N 317 
# 
loop_
_chem_comp_bond.comp_id 
_chem_comp_bond.atom_id_1 
_chem_comp_bond.atom_id_2 
_chem_comp_bond.value_order 
_chem_comp_bond.pdbx_aromatic_flag 
_chem_comp_bond.pdbx_stereo_config 
_chem_comp_bond.pdbx_ordinal 
ARG N   CA   sing N N 1   
ARG N   H    sing N N 2   
ARG N   H2   sing N N 3   
ARG CA  C    sing N N 4   
ARG CA  CB   sing N N 5   
ARG CA  HA   sing N N 6   
ARG C   O    doub N N 7   
ARG C   OXT  sing N N 8   
ARG CB  CG   sing N N 9   
ARG CB  HB2  sing N N 10  
ARG CB  HB3  sing N N 11  
ARG CG  CD   sing N N 12  
ARG CG  HG2  sing N N 13  
ARG CG  HG3  sing N N 14  
ARG CD  NE   sing N N 15  
ARG CD  HD2  sing N N 16  
ARG CD  HD3  sing N N 17  
ARG NE  CZ   sing N N 18  
ARG NE  HE   sing N N 19  
ARG CZ  NH1  sing N N 20  
ARG CZ  NH2  doub N N 21  
ARG NH1 HH11 sing N N 22  
ARG NH1 HH12 sing N N 23  
ARG NH2 HH21 sing N N 24  
ARG NH2 HH22 sing N N 25  
ARG OXT HXT  sing N N 26  
ASP N   CA   sing N N 27  
ASP N   H    sing N N 28  
ASP N   H2   sing N N 29  
ASP CA  C    sing N N 30  
ASP CA  CB   sing N N 31  
ASP CA  HA   sing N N 32  
ASP C   O    doub N N 33  
ASP C   OXT  sing N N 34  
ASP CB  CG   sing N N 35  
ASP CB  HB2  sing N N 36  
ASP CB  HB3  sing N N 37  
ASP CG  OD1  doub N N 38  
ASP CG  OD2  sing N N 39  
ASP OD2 HD2  sing N N 40  
ASP OXT HXT  sing N N 41  
CYS N   CA   sing N N 42  
CYS N   H    sing N N 43  
CYS N   H2   sing N N 44  
CYS CA  C    sing N N 45  
CYS CA  CB   sing N N 46  
CYS CA  HA   sing N N 47  
CYS C   O    doub N N 48  
CYS C   OXT  sing N N 49  
CYS CB  SG   sing N N 50  
CYS CB  HB2  sing N N 51  
CYS CB  HB3  sing N N 52  
CYS SG  HG   sing N N 53  
CYS OXT HXT  sing N N 54  
GLN N   CA   sing N N 55  
GLN N   H    sing N N 56  
GLN N   H2   sing N N 57  
GLN CA  C    sing N N 58  
GLN CA  CB   sing N N 59  
GLN CA  HA   sing N N 60  
GLN C   O    doub N N 61  
GLN C   OXT  sing N N 62  
GLN CB  CG   sing N N 63  
GLN CB  HB2  sing N N 64  
GLN CB  HB3  sing N N 65  
GLN CG  CD   sing N N 66  
GLN CG  HG2  sing N N 67  
GLN CG  HG3  sing N N 68  
GLN CD  OE1  doub N N 69  
GLN CD  NE2  sing N N 70  
GLN NE2 HE21 sing N N 71  
GLN NE2 HE22 sing N N 72  
GLN OXT HXT  sing N N 73  
GLU N   CA   sing N N 74  
GLU N   H    sing N N 75  
GLU N   H2   sing N N 76  
GLU CA  C    sing N N 77  
GLU CA  CB   sing N N 78  
GLU CA  HA   sing N N 79  
GLU C   O    doub N N 80  
GLU C   OXT  sing N N 81  
GLU CB  CG   sing N N 82  
GLU CB  HB2  sing N N 83  
GLU CB  HB3  sing N N 84  
GLU CG  CD   sing N N 85  
GLU CG  HG2  sing N N 86  
GLU CG  HG3  sing N N 87  
GLU CD  OE1  doub N N 88  
GLU CD  OE2  sing N N 89  
GLU OE2 HE2  sing N N 90  
GLU OXT HXT  sing N N 91  
GLY N   CA   sing N N 92  
GLY N   H    sing N N 93  
GLY N   H2   sing N N 94  
GLY CA  C    sing N N 95  
GLY CA  HA2  sing N N 96  
GLY CA  HA3  sing N N 97  
GLY C   O    doub N N 98  
GLY C   OXT  sing N N 99  
GLY OXT HXT  sing N N 100 
HIS N   CA   sing N N 101 
HIS N   H    sing N N 102 
HIS N   H2   sing N N 103 
HIS CA  C    sing N N 104 
HIS CA  CB   sing N N 105 
HIS CA  HA   sing N N 106 
HIS C   O    doub N N 107 
HIS C   OXT  sing N N 108 
HIS CB  CG   sing N N 109 
HIS CB  HB2  sing N N 110 
HIS CB  HB3  sing N N 111 
HIS CG  ND1  sing Y N 112 
HIS CG  CD2  doub Y N 113 
HIS ND1 CE1  doub Y N 114 
HIS ND1 HD1  sing N N 115 
HIS CD2 NE2  sing Y N 116 
HIS CD2 HD2  sing N N 117 
HIS CE1 NE2  sing Y N 118 
HIS CE1 HE1  sing N N 119 
HIS NE2 HE2  sing N N 120 
HIS OXT HXT  sing N N 121 
LEU N   CA   sing N N 122 
LEU N   H    sing N N 123 
LEU N   H2   sing N N 124 
LEU CA  C    sing N N 125 
LEU CA  CB   sing N N 126 
LEU CA  HA   sing N N 127 
LEU C   O    doub N N 128 
LEU C   OXT  sing N N 129 
LEU CB  CG   sing N N 130 
LEU CB  HB2  sing N N 131 
LEU CB  HB3  sing N N 132 
LEU CG  CD1  sing N N 133 
LEU CG  CD2  sing N N 134 
LEU CG  HG   sing N N 135 
LEU CD1 HD11 sing N N 136 
LEU CD1 HD12 sing N N 137 
LEU CD1 HD13 sing N N 138 
LEU CD2 HD21 sing N N 139 
LEU CD2 HD22 sing N N 140 
LEU CD2 HD23 sing N N 141 
LEU OXT HXT  sing N N 142 
LYS N   CA   sing N N 143 
LYS N   H    sing N N 144 
LYS N   H2   sing N N 145 
LYS CA  C    sing N N 146 
LYS CA  CB   sing N N 147 
LYS CA  HA   sing N N 148 
LYS C   O    doub N N 149 
LYS C   OXT  sing N N 150 
LYS CB  CG   sing N N 151 
LYS CB  HB2  sing N N 152 
LYS CB  HB3  sing N N 153 
LYS CG  CD   sing N N 154 
LYS CG  HG2  sing N N 155 
LYS CG  HG3  sing N N 156 
LYS CD  CE   sing N N 157 
LYS CD  HD2  sing N N 158 
LYS CD  HD3  sing N N 159 
LYS CE  NZ   sing N N 160 
LYS CE  HE2  sing N N 161 
LYS CE  HE3  sing N N 162 
LYS NZ  HZ1  sing N N 163 
LYS NZ  HZ2  sing N N 164 
LYS NZ  HZ3  sing N N 165 
LYS OXT HXT  sing N N 166 
MET N   CA   sing N N 167 
MET N   H    sing N N 168 
MET N   H2   sing N N 169 
MET CA  C    sing N N 170 
MET CA  CB   sing N N 171 
MET CA  HA   sing N N 172 
MET C   O    doub N N 173 
MET C   OXT  sing N N 174 
MET CB  CG   sing N N 175 
MET CB  HB2  sing N N 176 
MET CB  HB3  sing N N 177 
MET CG  SD   sing N N 178 
MET CG  HG2  sing N N 179 
MET CG  HG3  sing N N 180 
MET SD  CE   sing N N 181 
MET CE  HE1  sing N N 182 
MET CE  HE2  sing N N 183 
MET CE  HE3  sing N N 184 
MET OXT HXT  sing N N 185 
PHE N   CA   sing N N 186 
PHE N   H    sing N N 187 
PHE N   H2   sing N N 188 
PHE CA  C    sing N N 189 
PHE CA  CB   sing N N 190 
PHE CA  HA   sing N N 191 
PHE C   O    doub N N 192 
PHE C   OXT  sing N N 193 
PHE CB  CG   sing N N 194 
PHE CB  HB2  sing N N 195 
PHE CB  HB3  sing N N 196 
PHE CG  CD1  doub Y N 197 
PHE CG  CD2  sing Y N 198 
PHE CD1 CE1  sing Y N 199 
PHE CD1 HD1  sing N N 200 
PHE CD2 CE2  doub Y N 201 
PHE CD2 HD2  sing N N 202 
PHE CE1 CZ   doub Y N 203 
PHE CE1 HE1  sing N N 204 
PHE CE2 CZ   sing Y N 205 
PHE CE2 HE2  sing N N 206 
PHE CZ  HZ   sing N N 207 
PHE OXT HXT  sing N N 208 
PRO N   CA   sing N N 209 
PRO N   CD   sing N N 210 
PRO N   H    sing N N 211 
PRO CA  C    sing N N 212 
PRO CA  CB   sing N N 213 
PRO CA  HA   sing N N 214 
PRO C   O    doub N N 215 
PRO C   OXT  sing N N 216 
PRO CB  CG   sing N N 217 
PRO CB  HB2  sing N N 218 
PRO CB  HB3  sing N N 219 
PRO CG  CD   sing N N 220 
PRO CG  HG2  sing N N 221 
PRO CG  HG3  sing N N 222 
PRO CD  HD2  sing N N 223 
PRO CD  HD3  sing N N 224 
PRO OXT HXT  sing N N 225 
SER N   CA   sing N N 226 
SER N   H    sing N N 227 
SER N   H2   sing N N 228 
SER CA  C    sing N N 229 
SER CA  CB   sing N N 230 
SER CA  HA   sing N N 231 
SER C   O    doub N N 232 
SER C   OXT  sing N N 233 
SER CB  OG   sing N N 234 
SER CB  HB2  sing N N 235 
SER CB  HB3  sing N N 236 
SER OG  HG   sing N N 237 
SER OXT HXT  sing N N 238 
THR N   CA   sing N N 239 
THR N   H    sing N N 240 
THR N   H2   sing N N 241 
THR CA  C    sing N N 242 
THR CA  CB   sing N N 243 
THR CA  HA   sing N N 244 
THR C   O    doub N N 245 
THR C   OXT  sing N N 246 
THR CB  OG1  sing N N 247 
THR CB  CG2  sing N N 248 
THR CB  HB   sing N N 249 
THR OG1 HG1  sing N N 250 
THR CG2 HG21 sing N N 251 
THR CG2 HG22 sing N N 252 
THR CG2 HG23 sing N N 253 
THR OXT HXT  sing N N 254 
TRP N   CA   sing N N 255 
TRP N   H    sing N N 256 
TRP N   H2   sing N N 257 
TRP CA  C    sing N N 258 
TRP CA  CB   sing N N 259 
TRP CA  HA   sing N N 260 
TRP C   O    doub N N 261 
TRP C   OXT  sing N N 262 
TRP CB  CG   sing N N 263 
TRP CB  HB2  sing N N 264 
TRP CB  HB3  sing N N 265 
TRP CG  CD1  doub Y N 266 
TRP CG  CD2  sing Y N 267 
TRP CD1 NE1  sing Y N 268 
TRP CD1 HD1  sing N N 269 
TRP CD2 CE2  doub Y N 270 
TRP CD2 CE3  sing Y N 271 
TRP NE1 CE2  sing Y N 272 
TRP NE1 HE1  sing N N 273 
TRP CE2 CZ2  sing Y N 274 
TRP CE3 CZ3  doub Y N 275 
TRP CE3 HE3  sing N N 276 
TRP CZ2 CH2  doub Y N 277 
TRP CZ2 HZ2  sing N N 278 
TRP CZ3 CH2  sing Y N 279 
TRP CZ3 HZ3  sing N N 280 
TRP CH2 HH2  sing N N 281 
TRP OXT HXT  sing N N 282 
TYR N   CA   sing N N 283 
TYR N   H    sing N N 284 
TYR N   H2   sing N N 285 
TYR CA  C    sing N N 286 
TYR CA  CB   sing N N 287 
TYR CA  HA   sing N N 288 
TYR C   O    doub N N 289 
TYR C   OXT  sing N N 290 
TYR CB  CG   sing N N 291 
TYR CB  HB2  sing N N 292 
TYR CB  HB3  sing N N 293 
TYR CG  CD1  doub Y N 294 
TYR CG  CD2  sing Y N 295 
TYR CD1 CE1  sing Y N 296 
TYR CD1 HD1  sing N N 297 
TYR CD2 CE2  doub Y N 298 
TYR CD2 HD2  sing N N 299 
TYR CE1 CZ   doub Y N 300 
TYR CE1 HE1  sing N N 301 
TYR CE2 CZ   sing Y N 302 
TYR CE2 HE2  sing N N 303 
TYR CZ  OH   sing N N 304 
TYR OH  HH   sing N N 305 
TYR OXT HXT  sing N N 306 
# 
loop_
_pdbx_nmr_spectrometer.spectrometer_id 
_pdbx_nmr_spectrometer.model 
_pdbx_nmr_spectrometer.manufacturer 
_pdbx_nmr_spectrometer.field_strength 
_pdbx_nmr_spectrometer.type 
1 AM    Bruker 500 ? 
2 OMEGA GE     500 ? 
# 
_atom_sites.entry_id                    1SP2 
_atom_sites.fract_transf_matrix[1][1]   1.000000 
_atom_sites.fract_transf_matrix[1][2]   0.000000 
_atom_sites.fract_transf_matrix[1][3]   0.000000 
_atom_sites.fract_transf_matrix[2][1]   0.000000 
_atom_sites.fract_transf_matrix[2][2]   1.000000 
_atom_sites.fract_transf_matrix[2][3]   0.000000 
_atom_sites.fract_transf_matrix[3][1]   0.000000 
_atom_sites.fract_transf_matrix[3][2]   0.000000 
_atom_sites.fract_transf_matrix[3][3]   1.000000 
_atom_sites.fract_transf_vector[1]      0.00000 
_atom_sites.fract_transf_vector[2]      0.00000 
_atom_sites.fract_transf_vector[3]      0.00000 
# 
loop_
_atom_type.symbol 
C  
H  
N  
O  
S  
ZN 
# 
loop_
_atom_site.group_PDB 
_atom_site.id 
_atom_site.type_symbol 
_atom_site.label_atom_id 
_atom_site.label_alt_id 
_atom_site.label_comp_id 
_atom_site.label_asym_id 
_atom_site.label_entity_id 
_atom_site.label_seq_id 
_atom_site.pdbx_PDB_ins_code 
_atom_site.Cartn_x 
_atom_site.Cartn_y 
_atom_site.Cartn_z 
_atom_site.occupancy 
_atom_site.B_iso_or_equiv 
_atom_site.pdbx_formal_charge 
_atom_site.auth_seq_id 
_atom_site.auth_comp_id 
_atom_site.auth_asym_id 
_atom_site.auth_atom_id 
_atom_site.pdbx_PDB_model_num 
ATOM   1   N  N    . ARG A 1 1  ? -11.089 9.578   -5.956  1.00 3.05 ? 1  ARG A N    1 
ATOM   2   C  CA   . ARG A 1 1  ? -10.452 9.012   -4.734  1.00 2.52 ? 1  ARG A CA   1 
ATOM   3   C  C    . ARG A 1 1  ? -9.266  8.131   -5.140  1.00 1.97 ? 1  ARG A C    1 
ATOM   4   O  O    . ARG A 1 1  ? -9.409  6.934   -5.288  1.00 1.85 ? 1  ARG A O    1 
ATOM   5   C  CB   . ARG A 1 1  ? -11.476 8.171   -3.968  1.00 3.07 ? 1  ARG A CB   1 
ATOM   6   C  CG   . ARG A 1 1  ? -12.387 9.093   -3.155  1.00 3.41 ? 1  ARG A CG   1 
ATOM   7   C  CD   . ARG A 1 1  ? -13.774 9.141   -3.799  1.00 4.16 ? 1  ARG A CD   1 
ATOM   8   N  NE   . ARG A 1 1  ? -14.444 10.429  -3.455  1.00 4.55 ? 1  ARG A NE   1 
ATOM   9   C  CZ   . ARG A 1 1  ? -14.278 10.958  -2.272  1.00 5.37 ? 1  ARG A CZ   1 
ATOM   10  N  NH1  . ARG A 1 1  ? -14.284 10.196  -1.212  1.00 5.95 ? 1  ARG A NH1  1 
ATOM   11  N  NH2  . ARG A 1 1  ? -14.110 12.246  -2.150  1.00 5.92 ? 1  ARG A NH2  1 
ATOM   12  H  H1   . ARG A 1 1  ? -10.436 9.488   -6.760  1.00 3.51 ? 1  ARG A H1   1 
ATOM   13  H  H2   . ARG A 1 1  ? -11.966 9.058   -6.163  1.00 3.24 ? 1  ARG A H2   1 
ATOM   14  H  H3   . ARG A 1 1  ? -11.312 10.580  -5.800  1.00 3.38 ? 1  ARG A H3   1 
ATOM   15  H  HA   . ARG A 1 1  ? -10.104 9.817   -4.104  1.00 2.77 ? 1  ARG A HA   1 
ATOM   16  H  HB2  . ARG A 1 1  ? -12.070 7.602   -4.668  1.00 3.63 ? 1  ARG A HB2  1 
ATOM   17  H  HB3  . ARG A 1 1  ? -10.961 7.497   -3.300  1.00 3.29 ? 1  ARG A HB3  1 
ATOM   18  H  HG2  . ARG A 1 1  ? -12.471 8.717   -2.145  1.00 3.20 ? 1  ARG A HG2  1 
ATOM   19  H  HG3  . ARG A 1 1  ? -11.968 10.088  -3.134  1.00 3.93 ? 1  ARG A HG3  1 
ATOM   20  H  HD2  . ARG A 1 1  ? -13.675 9.066   -4.872  1.00 4.57 ? 1  ARG A HD2  1 
ATOM   21  H  HD3  . ARG A 1 1  ? -14.368 8.315   -3.435  1.00 4.49 ? 1  ARG A HD3  1 
ATOM   22  H  HE   . ARG A 1 1  ? -15.008 10.880  -4.117  1.00 4.45 ? 1  ARG A HE   1 
ATOM   23  H  HH11 . ARG A 1 1  ? -14.414 9.210   -1.306  1.00 5.80 ? 1  ARG A HH11 1 
ATOM   24  H  HH12 . ARG A 1 1  ? -14.157 10.600  -0.306  1.00 6.71 ? 1  ARG A HH12 1 
ATOM   25  H  HH21 . ARG A 1 1  ? -14.106 12.829  -2.962  1.00 5.78 ? 1  ARG A HH21 1 
ATOM   26  H  HH22 . ARG A 1 1  ? -13.984 12.650  -1.244  1.00 6.66 ? 1  ARG A HH22 1 
ATOM   27  N  N    . PRO A 1 2  ? -8.127  8.755   -5.307  1.00 1.88 ? 2  PRO A N    1 
ATOM   28  C  CA   . PRO A 1 2  ? -6.894  8.049   -5.700  1.00 1.59 ? 2  PRO A CA   1 
ATOM   29  C  C    . PRO A 1 2  ? -6.511  7.020   -4.633  1.00 1.20 ? 2  PRO A C    1 
ATOM   30  O  O    . PRO A 1 2  ? -6.656  7.255   -3.449  1.00 1.37 ? 2  PRO A O    1 
ATOM   31  C  CB   . PRO A 1 2  ? -5.826  9.147   -5.799  1.00 1.93 ? 2  PRO A CB   1 
ATOM   32  C  CG   . PRO A 1 2  ? -6.500  10.496  -5.434  1.00 2.37 ? 2  PRO A CG   1 
ATOM   33  C  CD   . PRO A 1 2  ? -7.977  10.210  -5.121  1.00 2.34 ? 2  PRO A CD   1 
ATOM   34  H  HA   . PRO A 1 2  ? -7.020  7.572   -6.658  1.00 1.71 ? 2  PRO A HA   1 
ATOM   35  H  HB2  . PRO A 1 2  ? -5.020  8.938   -5.109  1.00 1.90 ? 2  PRO A HB2  1 
ATOM   36  H  HB3  . PRO A 1 2  ? -5.443  9.197   -6.807  1.00 2.13 ? 2  PRO A HB3  1 
ATOM   37  H  HG2  . PRO A 1 2  ? -6.015  10.923  -4.567  1.00 2.59 ? 2  PRO A HG2  1 
ATOM   38  H  HG3  . PRO A 1 2  ? -6.432  11.177  -6.267  1.00 2.65 ? 2  PRO A HG3  1 
ATOM   39  H  HD2  . PRO A 1 2  ? -8.204  10.486  -4.100  1.00 2.55 ? 2  PRO A HD2  1 
ATOM   40  H  HD3  . PRO A 1 2  ? -8.618  10.741  -5.807  1.00 2.60 ? 2  PRO A HD3  1 
ATOM   41  N  N    . PHE A 1 3  ? -6.021  5.883   -5.042  1.00 0.94 ? 3  PHE A N    1 
ATOM   42  C  CA   . PHE A 1 3  ? -5.628  4.840   -4.053  1.00 0.77 ? 3  PHE A CA   1 
ATOM   43  C  C    . PHE A 1 3  ? -4.141  4.520   -4.216  1.00 0.72 ? 3  PHE A C    1 
ATOM   44  O  O    . PHE A 1 3  ? -3.770  3.578   -4.888  1.00 1.00 ? 3  PHE A O    1 
ATOM   45  C  CB   . PHE A 1 3  ? -6.452  3.574   -4.293  1.00 0.87 ? 3  PHE A CB   1 
ATOM   46  C  CG   . PHE A 1 3  ? -7.904  3.850   -3.980  1.00 0.97 ? 3  PHE A CG   1 
ATOM   47  C  CD1  . PHE A 1 3  ? -8.302  4.089   -2.659  1.00 1.36 ? 3  PHE A CD1  1 
ATOM   48  C  CD2  . PHE A 1 3  ? -8.851  3.868   -5.011  1.00 1.76 ? 3  PHE A CD2  1 
ATOM   49  C  CE1  . PHE A 1 3  ? -9.648  4.344   -2.370  1.00 1.52 ? 3  PHE A CE1  1 
ATOM   50  C  CE2  . PHE A 1 3  ? -10.196 4.124   -4.721  1.00 1.92 ? 3  PHE A CE2  1 
ATOM   51  C  CZ   . PHE A 1 3  ? -10.594 4.362   -3.400  1.00 1.42 ? 3  PHE A CZ   1 
ATOM   52  H  H    . PHE A 1 3  ? -5.912  5.714   -6.002  1.00 1.10 ? 3  PHE A H    1 
ATOM   53  H  HA   . PHE A 1 3  ? -5.811  5.205   -3.054  1.00 0.93 ? 3  PHE A HA   1 
ATOM   54  H  HB2  . PHE A 1 3  ? -6.357  3.273   -5.327  1.00 1.01 ? 3  PHE A HB2  1 
ATOM   55  H  HB3  . PHE A 1 3  ? -6.092  2.783   -3.653  1.00 1.01 ? 3  PHE A HB3  1 
ATOM   56  H  HD1  . PHE A 1 3  ? -7.571  4.074   -1.864  1.00 2.04 ? 3  PHE A HD1  1 
ATOM   57  H  HD2  . PHE A 1 3  ? -8.543  3.685   -6.030  1.00 2.50 ? 3  PHE A HD2  1 
ATOM   58  H  HE1  . PHE A 1 3  ? -9.955  4.528   -1.350  1.00 2.21 ? 3  PHE A HE1  1 
ATOM   59  H  HE2  . PHE A 1 3  ? -10.927 4.138   -5.517  1.00 2.73 ? 3  PHE A HE2  1 
ATOM   60  H  HZ   . PHE A 1 3  ? -11.633 4.560   -3.177  1.00 1.64 ? 3  PHE A HZ   1 
ATOM   61  N  N    . MET A 1 4  ? -3.287  5.296   -3.608  1.00 0.60 ? 4  MET A N    1 
ATOM   62  C  CA   . MET A 1 4  ? -1.824  5.035   -3.730  1.00 0.66 ? 4  MET A CA   1 
ATOM   63  C  C    . MET A 1 4  ? -1.260  4.631   -2.366  1.00 0.72 ? 4  MET A C    1 
ATOM   64  O  O    . MET A 1 4  ? -1.829  4.930   -1.335  1.00 1.32 ? 4  MET A O    1 
ATOM   65  C  CB   . MET A 1 4  ? -1.121  6.304   -4.217  1.00 0.82 ? 4  MET A CB   1 
ATOM   66  C  CG   . MET A 1 4  ? -0.058  5.933   -5.253  1.00 1.52 ? 4  MET A CG   1 
ATOM   67  S  SD   . MET A 1 4  ? 0.940   7.392   -5.643  1.00 2.06 ? 4  MET A SD   1 
ATOM   68  C  CE   . MET A 1 4  ? -0.247  8.190   -6.751  1.00 2.62 ? 4  MET A CE   1 
ATOM   69  H  H    . MET A 1 4  ? -3.606  6.051   -3.071  1.00 0.69 ? 4  MET A H    1 
ATOM   70  H  HA   . MET A 1 4  ? -1.659  4.238   -4.439  1.00 0.67 ? 4  MET A HA   1 
ATOM   71  H  HB2  . MET A 1 4  ? -1.845  6.968   -4.665  1.00 1.25 ? 4  MET A HB2  1 
ATOM   72  H  HB3  . MET A 1 4  ? -0.649  6.797   -3.380  1.00 1.45 ? 4  MET A HB3  1 
ATOM   73  H  HG2  . MET A 1 4  ? 0.579   5.157   -4.854  1.00 2.14 ? 4  MET A HG2  1 
ATOM   74  H  HG3  . MET A 1 4  ? -0.541  5.576   -6.151  1.00 2.12 ? 4  MET A HG3  1 
ATOM   75  H  HE1  . MET A 1 4  ? -0.998  7.470   -7.051  1.00 3.20 ? 4  MET A HE1  1 
ATOM   76  H  HE2  . MET A 1 4  ? -0.724  9.010   -6.239  1.00 2.94 ? 4  MET A HE2  1 
ATOM   77  H  HE3  . MET A 1 4  ? 0.271   8.563   -7.624  1.00 2.86 ? 4  MET A HE3  1 
ATOM   78  N  N    . CYS A 1 5  ? -0.143  3.954   -2.352  1.00 0.56 ? 5  CYS A N    1 
ATOM   79  C  CA   . CYS A 1 5  ? 0.456   3.532   -1.054  1.00 0.64 ? 5  CYS A CA   1 
ATOM   80  C  C    . CYS A 1 5  ? 1.320   4.669   -0.500  1.00 0.87 ? 5  CYS A C    1 
ATOM   81  O  O    . CYS A 1 5  ? 2.014   5.346   -1.231  1.00 1.49 ? 5  CYS A O    1 
ATOM   82  C  CB   . CYS A 1 5  ? 1.321   2.289   -1.272  1.00 0.59 ? 5  CYS A CB   1 
ATOM   83  S  SG   . CYS A 1 5  ? 2.163   1.860   0.273   1.00 0.76 ? 5  CYS A SG   1 
ATOM   84  H  H    . CYS A 1 5  ? 0.300   3.724   -3.194  1.00 0.91 ? 5  CYS A H    1 
ATOM   85  H  HA   . CYS A 1 5  ? -0.331  3.305   -0.351  1.00 0.74 ? 5  CYS A HA   1 
ATOM   86  H  HB2  . CYS A 1 5  ? 0.697   1.465   -1.582  1.00 0.58 ? 5  CYS A HB2  1 
ATOM   87  H  HB3  . CYS A 1 5  ? 2.056   2.491   -2.036  1.00 0.59 ? 5  CYS A HB3  1 
ATOM   88  N  N    . THR A 1 6  ? 1.281   4.883   0.787   1.00 0.97 ? 6  THR A N    1 
ATOM   89  C  CA   . THR A 1 6  ? 2.097   5.976   1.387   1.00 1.15 ? 6  THR A CA   1 
ATOM   90  C  C    . THR A 1 6  ? 3.378   5.391   1.986   1.00 1.11 ? 6  THR A C    1 
ATOM   91  O  O    . THR A 1 6  ? 3.454   5.120   3.169   1.00 1.79 ? 6  THR A O    1 
ATOM   92  C  CB   . THR A 1 6  ? 1.292   6.666   2.490   1.00 1.55 ? 6  THR A CB   1 
ATOM   93  O  OG1  . THR A 1 6  ? 0.092   7.193   1.939   1.00 2.11 ? 6  THR A OG1  1 
ATOM   94  C  CG2  . THR A 1 6  ? 2.120   7.801   3.094   1.00 2.02 ? 6  THR A CG2  1 
ATOM   95  H  H    . THR A 1 6  ? 0.713   4.325   1.359   1.00 1.35 ? 6  THR A H    1 
ATOM   96  H  HA   . THR A 1 6  ? 2.351   6.696   0.623   1.00 1.19 ? 6  THR A HA   1 
ATOM   97  H  HB   . THR A 1 6  ? 1.051   5.952   3.262   1.00 1.94 ? 6  THR A HB   1 
ATOM   98  H  HG1  . THR A 1 6  ? -0.105  8.016   2.391   1.00 2.50 ? 6  THR A HG1  1 
ATOM   99  H  HG21 . THR A 1 6  ? 3.145   7.713   2.764   1.00 2.69 ? 6  THR A HG21 1 
ATOM   100 H  HG22 . THR A 1 6  ? 1.719   8.750   2.772   1.00 2.23 ? 6  THR A HG22 1 
ATOM   101 H  HG23 . THR A 1 6  ? 2.083   7.740   4.171   1.00 2.35 ? 6  THR A HG23 1 
ATOM   102 N  N    . TRP A 1 7  ? 4.389   5.193   1.182   1.00 1.14 ? 7  TRP A N    1 
ATOM   103 C  CA   . TRP A 1 7  ? 5.662   4.627   1.713   1.00 1.04 ? 7  TRP A CA   1 
ATOM   104 C  C    . TRP A 1 7  ? 6.825   5.067   0.820   1.00 1.00 ? 7  TRP A C    1 
ATOM   105 O  O    . TRP A 1 7  ? 6.637   5.430   -0.324  1.00 1.09 ? 7  TRP A O    1 
ATOM   106 C  CB   . TRP A 1 7  ? 5.574   3.100   1.729   1.00 0.96 ? 7  TRP A CB   1 
ATOM   107 C  CG   . TRP A 1 7  ? 6.217   2.576   2.972   1.00 1.03 ? 7  TRP A CG   1 
ATOM   108 C  CD1  . TRP A 1 7  ? 7.483   2.108   3.052   1.00 1.04 ? 7  TRP A CD1  1 
ATOM   109 C  CD2  . TRP A 1 7  ? 5.650   2.458   4.308   1.00 1.17 ? 7  TRP A CD2  1 
ATOM   110 N  NE1  . TRP A 1 7  ? 7.730   1.710   4.354   1.00 1.15 ? 7  TRP A NE1  1 
ATOM   111 C  CE2  . TRP A 1 7  ? 6.630   1.905   5.166   1.00 1.23 ? 7  TRP A CE2  1 
ATOM   112 C  CE3  . TRP A 1 7  ? 4.392   2.773   4.854   1.00 1.28 ? 7  TRP A CE3  1 
ATOM   113 C  CZ2  . TRP A 1 7  ? 6.373   1.674   6.517   1.00 1.37 ? 7  TRP A CZ2  1 
ATOM   114 C  CZ3  . TRP A 1 7  ? 4.129   2.542   6.214   1.00 1.44 ? 7  TRP A CZ3  1 
ATOM   115 C  CH2  . TRP A 1 7  ? 5.118   1.993   7.043   1.00 1.47 ? 7  TRP A CH2  1 
ATOM   116 H  H    . TRP A 1 7  ? 4.312   5.417   0.232   1.00 1.74 ? 7  TRP A H    1 
ATOM   117 H  HA   . TRP A 1 7  ? 5.825   4.989   2.718   1.00 1.17 ? 7  TRP A HA   1 
ATOM   118 H  HB2  . TRP A 1 7  ? 4.538   2.798   1.704   1.00 0.96 ? 7  TRP A HB2  1 
ATOM   119 H  HB3  . TRP A 1 7  ? 6.086   2.701   0.866   1.00 0.91 ? 7  TRP A HB3  1 
ATOM   120 H  HD1  . TRP A 1 7  ? 8.187   2.054   2.233   1.00 1.00 ? 7  TRP A HD1  1 
ATOM   121 H  HE1  . TRP A 1 7  ? 8.574   1.333   4.679   1.00 1.21 ? 7  TRP A HE1  1 
ATOM   122 H  HE3  . TRP A 1 7  ? 3.624   3.196   4.224   1.00 1.28 ? 7  TRP A HE3  1 
ATOM   123 H  HZ2  . TRP A 1 7  ? 7.137   1.251   7.152   1.00 1.43 ? 7  TRP A HZ2  1 
ATOM   124 H  HZ3  . TRP A 1 7  ? 3.160   2.787   6.623   1.00 1.55 ? 7  TRP A HZ3  1 
ATOM   125 H  HH2  . TRP A 1 7  ? 4.909   1.817   8.089   1.00 1.60 ? 7  TRP A HH2  1 
ATOM   126 N  N    . SER A 1 8  ? 8.025   5.038   1.333   1.00 1.02 ? 8  SER A N    1 
ATOM   127 C  CA   . SER A 1 8  ? 9.197   5.459   0.513   1.00 1.07 ? 8  SER A CA   1 
ATOM   128 C  C    . SER A 1 8  ? 9.707   4.271   -0.306  1.00 0.97 ? 8  SER A C    1 
ATOM   129 O  O    . SER A 1 8  ? 9.723   3.146   0.155   1.00 0.97 ? 8  SER A O    1 
ATOM   130 C  CB   . SER A 1 8  ? 10.312  5.955   1.435   1.00 1.27 ? 8  SER A CB   1 
ATOM   131 O  OG   . SER A 1 8  ? 10.561  4.979   2.438   1.00 1.82 ? 8  SER A OG   1 
ATOM   132 H  H    . SER A 1 8  ? 8.155   4.745   2.258   1.00 1.11 ? 8  SER A H    1 
ATOM   133 H  HA   . SER A 1 8  ? 8.902   6.255   -0.154  1.00 1.13 ? 8  SER A HA   1 
ATOM   134 H  HB2  . SER A 1 8  ? 11.210  6.114   0.864   1.00 1.77 ? 8  SER A HB2  1 
ATOM   135 H  HB3  . SER A 1 8  ? 10.010  6.888   1.893   1.00 1.58 ? 8  SER A HB3  1 
ATOM   136 H  HG   . SER A 1 8  ? 10.819  5.437   3.241   1.00 2.18 ? 8  SER A HG   1 
ATOM   137 N  N    . TYR A 1 9  ? 10.128  4.513   -1.519  1.00 0.98 ? 9  TYR A N    1 
ATOM   138 C  CA   . TYR A 1 9  ? 10.641  3.401   -2.368  1.00 0.93 ? 9  TYR A CA   1 
ATOM   139 C  C    . TYR A 1 9  ? 9.469   2.568   -2.892  1.00 0.85 ? 9  TYR A C    1 
ATOM   140 O  O    . TYR A 1 9  ? 9.655   1.551   -3.531  1.00 0.93 ? 9  TYR A O    1 
ATOM   141 C  CB   . TYR A 1 9  ? 11.570  2.511   -1.539  1.00 0.95 ? 9  TYR A CB   1 
ATOM   142 C  CG   . TYR A 1 9  ? 12.865  2.303   -2.288  1.00 1.23 ? 9  TYR A CG   1 
ATOM   143 C  CD1  . TYR A 1 9  ? 12.843  1.848   -3.612  1.00 1.92 ? 9  TYR A CD1  1 
ATOM   144 C  CD2  . TYR A 1 9  ? 14.089  2.566   -1.658  1.00 1.89 ? 9  TYR A CD2  1 
ATOM   145 C  CE1  . TYR A 1 9  ? 14.043  1.657   -4.306  1.00 2.41 ? 9  TYR A CE1  1 
ATOM   146 C  CE2  . TYR A 1 9  ? 15.288  2.374   -2.353  1.00 2.38 ? 9  TYR A CE2  1 
ATOM   147 C  CZ   . TYR A 1 9  ? 15.266  1.919   -3.677  1.00 2.41 ? 9  TYR A CZ   1 
ATOM   148 O  OH   . TYR A 1 9  ? 16.449  1.730   -4.362  1.00 3.06 ? 9  TYR A OH   1 
ATOM   149 H  H    . TYR A 1 9  ? 10.108  5.428   -1.869  1.00 1.07 ? 9  TYR A H    1 
ATOM   150 H  HA   . TYR A 1 9  ? 11.189  3.811   -3.203  1.00 0.99 ? 9  TYR A HA   1 
ATOM   151 H  HB2  . TYR A 1 9  ? 11.773  2.988   -0.592  1.00 1.12 ? 9  TYR A HB2  1 
ATOM   152 H  HB3  . TYR A 1 9  ? 11.096  1.556   -1.368  1.00 1.11 ? 9  TYR A HB3  1 
ATOM   153 H  HD1  . TYR A 1 9  ? 11.900  1.646   -4.096  1.00 2.49 ? 9  TYR A HD1  1 
ATOM   154 H  HD2  . TYR A 1 9  ? 14.106  2.917   -0.637  1.00 2.44 ? 9  TYR A HD2  1 
ATOM   155 H  HE1  . TYR A 1 9  ? 14.026  1.307   -5.327  1.00 3.16 ? 9  TYR A HE1  1 
ATOM   156 H  HE2  . TYR A 1 9  ? 16.232  2.576   -1.868  1.00 3.12 ? 9  TYR A HE2  1 
ATOM   157 H  HH   . TYR A 1 9  ? 17.117  2.294   -3.963  1.00 3.25 ? 9  TYR A HH   1 
ATOM   158 N  N    . CYS A 1 10 ? 8.262   2.987   -2.626  1.00 0.80 ? 10 CYS A N    1 
ATOM   159 C  CA   . CYS A 1 10 ? 7.082   2.216   -3.111  1.00 0.74 ? 10 CYS A CA   1 
ATOM   160 C  C    . CYS A 1 10 ? 6.460   2.938   -4.312  1.00 0.72 ? 10 CYS A C    1 
ATOM   161 O  O    . CYS A 1 10 ? 6.862   2.737   -5.442  1.00 0.76 ? 10 CYS A O    1 
ATOM   162 C  CB   . CYS A 1 10 ? 6.061   2.094   -1.971  1.00 0.74 ? 10 CYS A CB   1 
ATOM   163 S  SG   . CYS A 1 10 ? 4.452   1.579   -2.624  1.00 0.71 ? 10 CYS A SG   1 
ATOM   164 H  H    . CYS A 1 10 ? 8.130   3.809   -2.108  1.00 0.87 ? 10 CYS A H    1 
ATOM   165 H  HA   . CYS A 1 10 ? 7.402   1.230   -3.413  1.00 0.77 ? 10 CYS A HA   1 
ATOM   166 H  HB2  . CYS A 1 10 ? 6.407   1.357   -1.266  1.00 0.78 ? 10 CYS A HB2  1 
ATOM   167 H  HB3  . CYS A 1 10 ? 5.962   3.044   -1.471  1.00 0.76 ? 10 CYS A HB3  1 
ATOM   168 N  N    . GLY A 1 11 ? 5.484   3.775   -4.084  1.00 0.71 ? 11 GLY A N    1 
ATOM   169 C  CA   . GLY A 1 11 ? 4.844   4.501   -5.216  1.00 0.72 ? 11 GLY A CA   1 
ATOM   170 C  C    . GLY A 1 11 ? 4.035   3.517   -6.065  1.00 0.64 ? 11 GLY A C    1 
ATOM   171 O  O    . GLY A 1 11 ? 4.282   3.351   -7.243  1.00 0.74 ? 11 GLY A O    1 
ATOM   172 H  H    . GLY A 1 11 ? 5.172   3.924   -3.169  1.00 0.72 ? 11 GLY A H    1 
ATOM   173 H  HA2  . GLY A 1 11 ? 4.188   5.267   -4.828  1.00 0.73 ? 11 GLY A HA2  1 
ATOM   174 H  HA3  . GLY A 1 11 ? 5.607   4.956   -5.830  1.00 0.81 ? 11 GLY A HA3  1 
ATOM   175 N  N    . LYS A 1 12 ? 3.068   2.865   -5.478  1.00 0.55 ? 12 LYS A N    1 
ATOM   176 C  CA   . LYS A 1 12 ? 2.245   1.896   -6.256  1.00 0.51 ? 12 LYS A CA   1 
ATOM   177 C  C    . LYS A 1 12 ? 0.777   2.326   -6.211  1.00 0.48 ? 12 LYS A C    1 
ATOM   178 O  O    . LYS A 1 12 ? 0.245   2.641   -5.166  1.00 0.57 ? 12 LYS A O    1 
ATOM   179 C  CB   . LYS A 1 12 ? 2.388   0.499   -5.649  1.00 0.52 ? 12 LYS A CB   1 
ATOM   180 C  CG   . LYS A 1 12 ? 2.308   -0.550  -6.761  1.00 0.85 ? 12 LYS A CG   1 
ATOM   181 C  CD   . LYS A 1 12 ? 2.667   -1.925  -6.193  1.00 1.22 ? 12 LYS A CD   1 
ATOM   182 C  CE   . LYS A 1 12 ? 3.482   -2.707  -7.225  1.00 1.77 ? 12 LYS A CE   1 
ATOM   183 N  NZ   . LYS A 1 12 ? 3.379   -4.166  -6.940  1.00 2.51 ? 12 LYS A NZ   1 
ATOM   184 H  H    . LYS A 1 12 ? 2.882   3.014   -4.527  1.00 0.59 ? 12 LYS A H    1 
ATOM   185 H  HA   . LYS A 1 12 ? 2.584   1.880   -7.281  1.00 0.58 ? 12 LYS A HA   1 
ATOM   186 H  HB2  . LYS A 1 12 ? 3.341   0.421   -5.146  1.00 0.71 ? 12 LYS A HB2  1 
ATOM   187 H  HB3  . LYS A 1 12 ? 1.592   0.331   -4.940  1.00 0.79 ? 12 LYS A HB3  1 
ATOM   188 H  HG2  . LYS A 1 12 ? 1.305   -0.575  -7.159  1.00 1.55 ? 12 LYS A HG2  1 
ATOM   189 H  HG3  . LYS A 1 12 ? 3.003   -0.294  -7.546  1.00 1.46 ? 12 LYS A HG3  1 
ATOM   190 H  HD2  . LYS A 1 12 ? 3.250   -1.802  -5.291  1.00 1.65 ? 12 LYS A HD2  1 
ATOM   191 H  HD3  . LYS A 1 12 ? 1.763   -2.469  -5.965  1.00 1.80 ? 12 LYS A HD3  1 
ATOM   192 H  HE2  . LYS A 1 12 ? 3.098   -2.506  -8.215  1.00 1.98 ? 12 LYS A HE2  1 
ATOM   193 H  HE3  . LYS A 1 12 ? 4.517   -2.402  -7.173  1.00 2.33 ? 12 LYS A HE3  1 
ATOM   194 H  HZ1  . LYS A 1 12 ? 3.668   -4.349  -5.959  1.00 3.03 ? 12 LYS A HZ1  1 
ATOM   195 H  HZ2  . LYS A 1 12 ? 2.395   -4.477  -7.077  1.00 2.79 ? 12 LYS A HZ2  1 
ATOM   196 H  HZ3  . LYS A 1 12 ? 4.003   -4.691  -7.586  1.00 2.90 ? 12 LYS A HZ3  1 
ATOM   197 N  N    . ARG A 1 13 ? 0.119   2.345   -7.338  1.00 0.50 ? 13 ARG A N    1 
ATOM   198 C  CA   . ARG A 1 13 ? -1.311  2.757   -7.358  1.00 0.54 ? 13 ARG A CA   1 
ATOM   199 C  C    . ARG A 1 13 ? -2.204  1.517   -7.415  1.00 0.49 ? 13 ARG A C    1 
ATOM   200 O  O    . ARG A 1 13 ? -1.766  0.440   -7.768  1.00 0.59 ? 13 ARG A O    1 
ATOM   201 C  CB   . ARG A 1 13 ? -1.573  3.629   -8.587  1.00 0.71 ? 13 ARG A CB   1 
ATOM   202 C  CG   . ARG A 1 13 ? -0.909  4.995   -8.396  1.00 1.30 ? 13 ARG A CG   1 
ATOM   203 C  CD   . ARG A 1 13 ? -0.717  5.665   -9.757  1.00 1.70 ? 13 ARG A CD   1 
ATOM   204 N  NE   . ARG A 1 13 ? -1.863  6.579   -10.027 1.00 1.96 ? 13 ARG A NE   1 
ATOM   205 C  CZ   . ARG A 1 13 ? -1.776  7.469   -10.977 1.00 2.45 ? 13 ARG A CZ   1 
ATOM   206 N  NH1  . ARG A 1 13 ? -1.434  7.106   -12.183 1.00 3.27 ? 13 ARG A NH1  1 
ATOM   207 N  NH2  . ARG A 1 13 ? -2.032  8.722   -10.722 1.00 2.80 ? 13 ARG A NH2  1 
ATOM   208 H  H    . ARG A 1 13 ? 0.568   2.088   -8.172  1.00 0.60 ? 13 ARG A H    1 
ATOM   209 H  HA   . ARG A 1 13 ? -1.535  3.320   -6.464  1.00 0.58 ? 13 ARG A HA   1 
ATOM   210 H  HB2  . ARG A 1 13 ? -1.162  3.149   -9.464  1.00 1.41 ? 13 ARG A HB2  1 
ATOM   211 H  HB3  . ARG A 1 13 ? -2.636  3.764   -8.714  1.00 1.35 ? 13 ARG A HB3  1 
ATOM   212 H  HG2  . ARG A 1 13 ? -1.537  5.615   -7.773  1.00 1.96 ? 13 ARG A HG2  1 
ATOM   213 H  HG3  . ARG A 1 13 ? 0.053   4.864   -7.922  1.00 1.93 ? 13 ARG A HG3  1 
ATOM   214 H  HD2  . ARG A 1 13 ? 0.202   6.231   -9.753  1.00 2.22 ? 13 ARG A HD2  1 
ATOM   215 H  HD3  . ARG A 1 13 ? -0.669  4.908   -10.527 1.00 2.23 ? 13 ARG A HD3  1 
ATOM   216 H  HE   . ARG A 1 13 ? -2.680  6.510   -9.491  1.00 2.38 ? 13 ARG A HE   1 
ATOM   217 H  HH11 . ARG A 1 13 ? -1.238  6.144   -12.379 1.00 3.49 ? 13 ARG A HH11 1 
ATOM   218 H  HH12 . ARG A 1 13 ? -1.369  7.787   -12.911 1.00 3.93 ? 13 ARG A HH12 1 
ATOM   219 H  HH21 . ARG A 1 13 ? -2.295  9.001   -9.798  1.00 2.73 ? 13 ARG A HH21 1 
ATOM   220 H  HH22 . ARG A 1 13 ? -1.967  9.405   -11.450 1.00 3.51 ? 13 ARG A HH22 1 
ATOM   221 N  N    . PHE A 1 14 ? -3.454  1.661   -7.071  1.00 0.50 ? 14 PHE A N    1 
ATOM   222 C  CA   . PHE A 1 14 ? -4.378  0.493   -7.106  1.00 0.50 ? 14 PHE A CA   1 
ATOM   223 C  C    . PHE A 1 14 ? -5.771  0.961   -7.530  1.00 0.58 ? 14 PHE A C    1 
ATOM   224 O  O    . PHE A 1 14 ? -6.051  2.142   -7.581  1.00 0.61 ? 14 PHE A O    1 
ATOM   225 C  CB   . PHE A 1 14 ? -4.456  -0.140  -5.714  1.00 0.52 ? 14 PHE A CB   1 
ATOM   226 C  CG   . PHE A 1 14 ? -3.061  -0.436  -5.216  1.00 0.49 ? 14 PHE A CG   1 
ATOM   227 C  CD1  . PHE A 1 14 ? -2.396  -1.592  -5.642  1.00 1.34 ? 14 PHE A CD1  1 
ATOM   228 C  CD2  . PHE A 1 14 ? -2.434  0.446   -4.327  1.00 1.26 ? 14 PHE A CD2  1 
ATOM   229 C  CE1  . PHE A 1 14 ? -1.103  -1.866  -5.179  1.00 1.36 ? 14 PHE A CE1  1 
ATOM   230 C  CE2  . PHE A 1 14 ? -1.141  0.171   -3.864  1.00 1.29 ? 14 PHE A CE2  1 
ATOM   231 C  CZ   . PHE A 1 14 ? -0.476  -0.985  -4.290  1.00 0.60 ? 14 PHE A CZ   1 
ATOM   232 H  H    . PHE A 1 14 ? -3.787  2.539   -6.790  1.00 0.60 ? 14 PHE A H    1 
ATOM   233 H  HA   . PHE A 1 14 ? -4.012  -0.235  -7.814  1.00 0.54 ? 14 PHE A HA   1 
ATOM   234 H  HB2  . PHE A 1 14 ? -4.943  0.543   -5.035  1.00 0.59 ? 14 PHE A HB2  1 
ATOM   235 H  HB3  . PHE A 1 14 ? -5.020  -1.059  -5.768  1.00 0.60 ? 14 PHE A HB3  1 
ATOM   236 H  HD1  . PHE A 1 14 ? -2.881  -2.271  -6.327  1.00 2.24 ? 14 PHE A HD1  1 
ATOM   237 H  HD2  . PHE A 1 14 ? -2.947  1.337   -3.999  1.00 2.14 ? 14 PHE A HD2  1 
ATOM   238 H  HE1  . PHE A 1 14 ? -0.591  -2.758  -5.508  1.00 2.24 ? 14 PHE A HE1  1 
ATOM   239 H  HE2  . PHE A 1 14 ? -0.658  0.850   -3.178  1.00 2.18 ? 14 PHE A HE2  1 
ATOM   240 H  HZ   . PHE A 1 14 ? 0.521   -1.198  -3.933  1.00 0.68 ? 14 PHE A HZ   1 
ATOM   241 N  N    . THR A 1 15 ? -6.650  0.045   -7.832  1.00 0.68 ? 15 THR A N    1 
ATOM   242 C  CA   . THR A 1 15 ? -8.022  0.440   -8.251  1.00 0.78 ? 15 THR A CA   1 
ATOM   243 C  C    . THR A 1 15 ? -8.996  0.196   -7.096  1.00 0.73 ? 15 THR A C    1 
ATOM   244 O  O    . THR A 1 15 ? -10.187 0.066   -7.293  1.00 0.87 ? 15 THR A O    1 
ATOM   245 C  CB   . THR A 1 15 ? -8.448  -0.395  -9.462  1.00 0.90 ? 15 THR A CB   1 
ATOM   246 O  OG1  . THR A 1 15 ? -7.368  -0.475  -10.381 1.00 1.34 ? 15 THR A OG1  1 
ATOM   247 C  CG2  . THR A 1 15 ? -9.651  0.262   -10.140 1.00 1.70 ? 15 THR A CG2  1 
ATOM   248 H  H    . THR A 1 15 ? -6.405  -0.903  -7.783  1.00 0.72 ? 15 THR A H    1 
ATOM   249 H  HA   . THR A 1 15 ? -8.031  1.487   -8.515  1.00 0.86 ? 15 THR A HA   1 
ATOM   250 H  HB   . THR A 1 15 ? -8.720  -1.387  -9.137  1.00 1.39 ? 15 THR A HB   1 
ATOM   251 H  HG1  . THR A 1 15 ? -7.192  0.409   -10.710 1.00 1.82 ? 15 THR A HG1  1 
ATOM   252 H  HG21 . THR A 1 15 ? -10.063 1.018   -9.488  1.00 2.14 ? 15 THR A HG21 1 
ATOM   253 H  HG22 . THR A 1 15 ? -9.336  0.718   -11.067 1.00 2.23 ? 15 THR A HG22 1 
ATOM   254 H  HG23 . THR A 1 15 ? -10.402 -0.486  -10.343 1.00 2.27 ? 15 THR A HG23 1 
ATOM   255 N  N    . ARG A 1 16 ? -8.497  0.134   -5.892  1.00 0.74 ? 16 ARG A N    1 
ATOM   256 C  CA   . ARG A 1 16 ? -9.393  -0.102  -4.725  1.00 0.71 ? 16 ARG A CA   1 
ATOM   257 C  C    . ARG A 1 16 ? -8.560  -0.146  -3.440  1.00 0.62 ? 16 ARG A C    1 
ATOM   258 O  O    . ARG A 1 16 ? -7.676  -0.967  -3.294  1.00 0.56 ? 16 ARG A O    1 
ATOM   259 C  CB   . ARG A 1 16 ? -10.121 -1.436  -4.904  1.00 0.76 ? 16 ARG A CB   1 
ATOM   260 C  CG   . ARG A 1 16 ? -11.196 -1.579  -3.825  1.00 1.17 ? 16 ARG A CG   1 
ATOM   261 C  CD   . ARG A 1 16 ? -12.574 -1.333  -4.442  1.00 1.68 ? 16 ARG A CD   1 
ATOM   262 N  NE   . ARG A 1 16 ? -13.613 -2.012  -3.617  1.00 1.96 ? 16 ARG A NE   1 
ATOM   263 C  CZ   . ARG A 1 16 ? -14.871 -1.698  -3.765  1.00 2.49 ? 16 ARG A CZ   1 
ATOM   264 N  NH1  . ARG A 1 16 ? -15.517 -2.075  -4.835  1.00 3.07 ? 16 ARG A NH1  1 
ATOM   265 N  NH2  . ARG A 1 16 ? -15.484 -1.009  -2.842  1.00 2.95 ? 16 ARG A NH2  1 
ATOM   266 H  H    . ARG A 1 16 ? -7.533  0.241   -5.754  1.00 0.89 ? 16 ARG A H    1 
ATOM   267 H  HA   . ARG A 1 16 ? -10.117 0.697   -4.662  1.00 0.79 ? 16 ARG A HA   1 
ATOM   268 H  HB2  . ARG A 1 16 ? -10.582 -1.466  -5.880  1.00 1.02 ? 16 ARG A HB2  1 
ATOM   269 H  HB3  . ARG A 1 16 ? -9.414  -2.247  -4.814  1.00 0.87 ? 16 ARG A HB3  1 
ATOM   270 H  HG2  . ARG A 1 16 ? -11.159 -2.577  -3.411  1.00 1.43 ? 16 ARG A HG2  1 
ATOM   271 H  HG3  . ARG A 1 16 ? -11.019 -0.856  -3.043  1.00 1.35 ? 16 ARG A HG3  1 
ATOM   272 H  HD2  . ARG A 1 16 ? -12.772 -0.271  -4.469  1.00 1.98 ? 16 ARG A HD2  1 
ATOM   273 H  HD3  . ARG A 1 16 ? -12.596 -1.729  -5.445  1.00 2.26 ? 16 ARG A HD3  1 
ATOM   274 H  HE   . ARG A 1 16 ? -13.351 -2.694  -2.964  1.00 2.20 ? 16 ARG A HE   1 
ATOM   275 H  HH11 . ARG A 1 16 ? -15.046 -2.603  -5.542  1.00 3.29 ? 16 ARG A HH11 1 
ATOM   276 H  HH12 . ARG A 1 16 ? -16.481 -1.835  -4.948  1.00 3.58 ? 16 ARG A HH12 1 
ATOM   277 H  HH21 . ARG A 1 16 ? -14.990 -0.722  -2.021  1.00 3.13 ? 16 ARG A HH21 1 
ATOM   278 H  HH22 . ARG A 1 16 ? -16.449 -0.770  -2.954  1.00 3.44 ? 16 ARG A HH22 1 
ATOM   279 N  N    . SER A 1 17 ? -8.833  0.727   -2.507  1.00 0.67 ? 17 SER A N    1 
ATOM   280 C  CA   . SER A 1 17 ? -8.052  0.725   -1.236  1.00 0.65 ? 17 SER A CA   1 
ATOM   281 C  C    . SER A 1 17 ? -7.933  -0.708  -0.709  1.00 0.61 ? 17 SER A C    1 
ATOM   282 O  O    . SER A 1 17 ? -7.020  -1.035  0.022   1.00 0.63 ? 17 SER A O    1 
ATOM   283 C  CB   . SER A 1 17 ? -8.766  1.592   -0.199  1.00 0.79 ? 17 SER A CB   1 
ATOM   284 O  OG   . SER A 1 17 ? -7.804  2.157   0.682   1.00 1.66 ? 17 SER A OG   1 
ATOM   285 H  H    . SER A 1 17 ? -9.549  1.383   -2.638  1.00 0.75 ? 17 SER A H    1 
ATOM   286 H  HA   . SER A 1 17 ? -7.065  1.122   -1.420  1.00 0.63 ? 17 SER A HA   1 
ATOM   287 H  HB2  . SER A 1 17 ? -9.300  2.384   -0.695  1.00 1.25 ? 17 SER A HB2  1 
ATOM   288 H  HB3  . SER A 1 17 ? -9.465  0.982   0.359   1.00 1.24 ? 17 SER A HB3  1 
ATOM   289 H  HG   . SER A 1 17 ? -8.206  2.914   1.115   1.00 2.06 ? 17 SER A HG   1 
ATOM   290 N  N    . ASP A 1 18 ? -8.848  -1.566  -1.074  1.00 0.63 ? 18 ASP A N    1 
ATOM   291 C  CA   . ASP A 1 18 ? -8.780  -2.974  -0.590  1.00 0.67 ? 18 ASP A CA   1 
ATOM   292 C  C    . ASP A 1 18 ? -7.362  -3.510  -0.792  1.00 0.64 ? 18 ASP A C    1 
ATOM   293 O  O    . ASP A 1 18 ? -6.749  -4.032  0.118   1.00 0.72 ? 18 ASP A O    1 
ATOM   294 C  CB   . ASP A 1 18 ? -9.768  -3.834  -1.382  1.00 0.72 ? 18 ASP A CB   1 
ATOM   295 C  CG   . ASP A 1 18 ? -9.757  -5.262  -0.834  1.00 1.18 ? 18 ASP A CG   1 
ATOM   296 O  OD1  . ASP A 1 18 ? -10.063 -5.430  0.336   1.00 1.89 ? 18 ASP A OD1  1 
ATOM   297 O  OD2  . ASP A 1 18 ? -9.443  -6.164  -1.593  1.00 1.74 ? 18 ASP A OD2  1 
ATOM   298 H  H    . ASP A 1 18 ? -9.577  -1.286  -1.663  1.00 0.67 ? 18 ASP A H    1 
ATOM   299 H  HA   . ASP A 1 18 ? -9.032  -3.008  0.459   1.00 0.74 ? 18 ASP A HA   1 
ATOM   300 H  HB2  . ASP A 1 18 ? -10.762 -3.418  -1.286  1.00 0.92 ? 18 ASP A HB2  1 
ATOM   301 H  HB3  . ASP A 1 18 ? -9.482  -3.847  -2.422  1.00 1.09 ? 18 ASP A HB3  1 
ATOM   302 N  N    . GLU A 1 19 ? -6.832  -3.382  -1.978  1.00 0.60 ? 19 GLU A N    1 
ATOM   303 C  CA   . GLU A 1 19 ? -5.453  -3.882  -2.236  1.00 0.63 ? 19 GLU A CA   1 
ATOM   304 C  C    . GLU A 1 19 ? -4.459  -3.095  -1.380  1.00 0.58 ? 19 GLU A C    1 
ATOM   305 O  O    . GLU A 1 19 ? -3.436  -3.605  -0.969  1.00 0.65 ? 19 GLU A O    1 
ATOM   306 C  CB   . GLU A 1 19 ? -5.111  -3.694  -3.716  1.00 0.66 ? 19 GLU A CB   1 
ATOM   307 C  CG   . GLU A 1 19 ? -4.118  -4.771  -4.153  1.00 1.19 ? 19 GLU A CG   1 
ATOM   308 C  CD   . GLU A 1 19 ? -4.792  -5.712  -5.153  1.00 1.37 ? 19 GLU A CD   1 
ATOM   309 O  OE1  . GLU A 1 19 ? -6.012  -5.728  -5.191  1.00 1.91 ? 19 GLU A OE1  1 
ATOM   310 O  OE2  . GLU A 1 19 ? -4.079  -6.401  -5.863  1.00 1.95 ? 19 GLU A OE2  1 
ATOM   311 H  H    . GLU A 1 19 ? -7.342  -2.957  -2.699  1.00 0.60 ? 19 GLU A H    1 
ATOM   312 H  HA   . GLU A 1 19 ? -5.395  -4.931  -1.983  1.00 0.73 ? 19 GLU A HA   1 
ATOM   313 H  HB2  . GLU A 1 19 ? -6.013  -3.773  -4.306  1.00 1.13 ? 19 GLU A HB2  1 
ATOM   314 H  HB3  . GLU A 1 19 ? -4.670  -2.719  -3.863  1.00 0.86 ? 19 GLU A HB3  1 
ATOM   315 H  HG2  . GLU A 1 19 ? -3.261  -4.304  -4.619  1.00 1.77 ? 19 GLU A HG2  1 
ATOM   316 H  HG3  . GLU A 1 19 ? -3.795  -5.336  -3.292  1.00 1.92 ? 19 GLU A HG3  1 
ATOM   317 N  N    . LEU A 1 20 ? -4.754  -1.852  -1.107  1.00 0.53 ? 20 LEU A N    1 
ATOM   318 C  CA   . LEU A 1 20 ? -3.828  -1.030  -0.278  1.00 0.56 ? 20 LEU A CA   1 
ATOM   319 C  C    . LEU A 1 20 ? -3.811  -1.566  1.155   1.00 0.70 ? 20 LEU A C    1 
ATOM   320 O  O    . LEU A 1 20 ? -2.881  -1.336  1.903   1.00 0.79 ? 20 LEU A O    1 
ATOM   321 C  CB   . LEU A 1 20 ? -4.309  0.423   -0.270  1.00 0.55 ? 20 LEU A CB   1 
ATOM   322 C  CG   . LEU A 1 20 ? -3.510  1.234   -1.291  1.00 0.48 ? 20 LEU A CG   1 
ATOM   323 C  CD1  . LEU A 1 20 ? -3.908  2.707   -1.196  1.00 0.56 ? 20 LEU A CD1  1 
ATOM   324 C  CD2  . LEU A 1 20 ? -2.014  1.091   -0.999  1.00 0.56 ? 20 LEU A CD2  1 
ATOM   325 H  H    . LEU A 1 20 ? -5.583  -1.460  -1.449  1.00 0.53 ? 20 LEU A H    1 
ATOM   326 H  HA   . LEU A 1 20 ? -2.833  -1.079  -0.693  1.00 0.57 ? 20 LEU A HA   1 
ATOM   327 H  HB2  . LEU A 1 20 ? -5.358  0.457   -0.524  1.00 0.58 ? 20 LEU A HB2  1 
ATOM   328 H  HB3  . LEU A 1 20 ? -4.162  0.844   0.714   1.00 0.67 ? 20 LEU A HB3  1 
ATOM   329 H  HG   . LEU A 1 20 ? -3.721  0.867   -2.285  1.00 0.45 ? 20 LEU A HG   1 
ATOM   330 H  HD11 . LEU A 1 20 ? -3.879  3.023   -0.163  1.00 1.12 ? 20 LEU A HD11 1 
ATOM   331 H  HD12 . LEU A 1 20 ? -3.218  3.306   -1.774  1.00 1.20 ? 20 LEU A HD12 1 
ATOM   332 H  HD13 . LEU A 1 20 ? -4.907  2.836   -1.584  1.00 1.15 ? 20 LEU A HD13 1 
ATOM   333 H  HD21 . LEU A 1 20 ? -1.867  0.940   0.060   1.00 1.13 ? 20 LEU A HD21 1 
ATOM   334 H  HD22 . LEU A 1 20 ? -1.621  0.245   -1.542  1.00 1.11 ? 20 LEU A HD22 1 
ATOM   335 H  HD23 . LEU A 1 20 ? -1.499  1.989   -1.309  1.00 1.20 ? 20 LEU A HD23 1 
ATOM   336 N  N    . GLN A 1 21 ? -4.834  -2.277  1.546   1.00 0.77 ? 21 GLN A N    1 
ATOM   337 C  CA   . GLN A 1 21 ? -4.876  -2.823  2.932   1.00 0.93 ? 21 GLN A CA   1 
ATOM   338 C  C    . GLN A 1 21 ? -3.833  -3.932  3.082   1.00 0.98 ? 21 GLN A C    1 
ATOM   339 O  O    . GLN A 1 21 ? -2.959  -3.866  3.924   1.00 1.08 ? 21 GLN A O    1 
ATOM   340 C  CB   . GLN A 1 21 ? -6.268  -3.390  3.214   1.00 1.00 ? 21 GLN A CB   1 
ATOM   341 C  CG   . GLN A 1 21 ? -7.195  -2.263  3.675   1.00 1.09 ? 21 GLN A CG   1 
ATOM   342 C  CD   . GLN A 1 21 ? -8.468  -2.269  2.826   1.00 1.15 ? 21 GLN A CD   1 
ATOM   343 O  OE1  . GLN A 1 21 ? -9.285  -3.160  2.942   1.00 2.03 ? 21 GLN A OE1  1 
ATOM   344 N  NE2  . GLN A 1 21 ? -8.671  -1.304  1.970   1.00 1.01 ? 21 GLN A NE2  1 
ATOM   345 H  H    . GLN A 1 21 ? -5.575  -2.449  0.929   1.00 0.75 ? 21 GLN A H    1 
ATOM   346 H  HA   . GLN A 1 21 ? -4.662  -2.032  3.636   1.00 0.99 ? 21 GLN A HA   1 
ATOM   347 H  HB2  . GLN A 1 21 ? -6.664  -3.836  2.313   1.00 0.99 ? 21 GLN A HB2  1 
ATOM   348 H  HB3  . GLN A 1 21 ? -6.203  -4.139  3.988   1.00 1.15 ? 21 GLN A HB3  1 
ATOM   349 H  HG2  . GLN A 1 21 ? -7.454  -2.412  4.714   1.00 1.56 ? 21 GLN A HG2  1 
ATOM   350 H  HG3  . GLN A 1 21 ? -6.694  -1.314  3.561   1.00 1.51 ? 21 GLN A HG3  1 
ATOM   351 H  HE21 . GLN A 1 21 ? -8.011  -0.586  1.876   1.00 1.13 ? 21 GLN A HE21 1 
ATOM   352 H  HE22 . GLN A 1 21 ? -9.483  -1.299  1.421   1.00 1.41 ? 21 GLN A HE22 1 
ATOM   353 N  N    . ARG A 1 22 ? -3.917  -4.954  2.274   1.00 0.95 ? 22 ARG A N    1 
ATOM   354 C  CA   . ARG A 1 22 ? -2.932  -6.068  2.374   1.00 1.03 ? 22 ARG A CA   1 
ATOM   355 C  C    . ARG A 1 22 ? -1.564  -5.588  1.882   1.00 0.99 ? 22 ARG A C    1 
ATOM   356 O  O    . ARG A 1 22 ? -0.561  -6.247  2.069   1.00 1.09 ? 22 ARG A O    1 
ATOM   357 C  CB   . ARG A 1 22 ? -3.400  -7.241  1.512   1.00 1.05 ? 22 ARG A CB   1 
ATOM   358 C  CG   . ARG A 1 22 ? -3.791  -8.415  2.411   1.00 1.64 ? 22 ARG A CG   1 
ATOM   359 C  CD   . ARG A 1 22 ? -3.817  -9.704  1.586   1.00 2.16 ? 22 ARG A CD   1 
ATOM   360 N  NE   . ARG A 1 22 ? -4.258  -10.841 2.446   1.00 3.03 ? 22 ARG A NE   1 
ATOM   361 C  CZ   . ARG A 1 22 ? -3.886  -10.902 3.695   1.00 3.79 ? 22 ARG A CZ   1 
ATOM   362 N  NH1  . ARG A 1 22 ? -4.487  -10.168 4.591   1.00 4.48 ? 22 ARG A NH1  1 
ATOM   363 N  NH2  . ARG A 1 22 ? -2.915  -11.698 4.049   1.00 4.27 ? 22 ARG A NH2  1 
ATOM   364 H  H    . ARG A 1 22 ? -4.630  -4.990  1.603   1.00 0.89 ? 22 ARG A H    1 
ATOM   365 H  HA   . ARG A 1 22 ? -2.852  -6.387  3.403   1.00 1.13 ? 22 ARG A HA   1 
ATOM   366 H  HB2  . ARG A 1 22 ? -4.254  -6.937  0.924   1.00 1.55 ? 22 ARG A HB2  1 
ATOM   367 H  HB3  . ARG A 1 22 ? -2.600  -7.546  0.854   1.00 1.35 ? 22 ARG A HB3  1 
ATOM   368 H  HG2  . ARG A 1 22 ? -3.071  -8.512  3.211   1.00 2.05 ? 22 ARG A HG2  1 
ATOM   369 H  HG3  . ARG A 1 22 ? -4.771  -8.238  2.829   1.00 2.27 ? 22 ARG A HG3  1 
ATOM   370 H  HD2  . ARG A 1 22 ? -4.505  -9.589  0.763   1.00 2.40 ? 22 ARG A HD2  1 
ATOM   371 H  HD3  . ARG A 1 22 ? -2.827  -9.903  1.203   1.00 2.47 ? 22 ARG A HD3  1 
ATOM   372 H  HE   . ARG A 1 22 ? -4.829  -11.543 2.070   1.00 3.35 ? 22 ARG A HE   1 
ATOM   373 H  HH11 . ARG A 1 22 ? -5.232  -9.559  4.321   1.00 4.52 ? 22 ARG A HH11 1 
ATOM   374 H  HH12 . ARG A 1 22 ? -4.203  -10.215 5.549   1.00 5.17 ? 22 ARG A HH12 1 
ATOM   375 H  HH21 . ARG A 1 22 ? -2.454  -12.261 3.362   1.00 4.19 ? 22 ARG A HH21 1 
ATOM   376 H  HH22 . ARG A 1 22 ? -2.630  -11.745 5.006   1.00 4.95 ? 22 ARG A HH22 1 
ATOM   377 N  N    . HIS A 1 23 ? -1.515  -4.446  1.254   1.00 0.87 ? 23 HIS A N    1 
ATOM   378 C  CA   . HIS A 1 23 ? -0.212  -3.926  0.749   1.00 0.83 ? 23 HIS A CA   1 
ATOM   379 C  C    . HIS A 1 23 ? 0.535   -3.221  1.879   1.00 0.89 ? 23 HIS A C    1 
ATOM   380 O  O    . HIS A 1 23 ? 1.731   -3.365  2.031   1.00 0.94 ? 23 HIS A O    1 
ATOM   381 C  CB   . HIS A 1 23 ? -0.461  -2.919  -0.371  1.00 0.71 ? 23 HIS A CB   1 
ATOM   382 C  CG   . HIS A 1 23 ? 0.859   -2.407  -0.876  1.00 0.67 ? 23 HIS A CG   1 
ATOM   383 N  ND1  . HIS A 1 23 ? 1.720   -3.191  -1.628  1.00 0.69 ? 23 HIS A ND1  1 
ATOM   384 C  CD2  . HIS A 1 23 ? 1.485   -1.194  -0.731  1.00 0.66 ? 23 HIS A CD2  1 
ATOM   385 C  CE1  . HIS A 1 23 ? 2.809   -2.448  -1.900  1.00 0.67 ? 23 HIS A CE1  1 
ATOM   386 N  NE2  . HIS A 1 23 ? 2.716   -1.223  -1.377  1.00 0.65 ? 23 HIS A NE2  1 
ATOM   387 H  H    . HIS A 1 23 ? -2.336  -3.929  1.113   1.00 0.84 ? 23 HIS A H    1 
ATOM   388 H  HA   . HIS A 1 23 ? 0.385   -4.745  0.373   1.00 0.87 ? 23 HIS A HA   1 
ATOM   389 H  HB2  . HIS A 1 23 ? -1.001  -3.395  -1.176  1.00 0.71 ? 23 HIS A HB2  1 
ATOM   390 H  HB3  . HIS A 1 23 ? -1.038  -2.092  0.018   1.00 0.71 ? 23 HIS A HB3  1 
ATOM   391 H  HD1  . HIS A 1 23 ? 1.565   -4.117  -1.908  1.00 0.74 ? 23 HIS A HD1  1 
ATOM   392 H  HD2  . HIS A 1 23 ? 1.080   -0.345  -0.202  1.00 0.69 ? 23 HIS A HD2  1 
ATOM   393 H  HE1  . HIS A 1 23 ? 3.653   -2.800  -2.474  1.00 0.71 ? 23 HIS A HE1  1 
ATOM   394 N  N    . LYS A 1 24 ? -0.159  -2.441  2.658   1.00 0.93 ? 24 LYS A N    1 
ATOM   395 C  CA   . LYS A 1 24 ? 0.513   -1.708  3.763   1.00 1.04 ? 24 LYS A CA   1 
ATOM   396 C  C    . LYS A 1 24 ? 1.033   -2.701  4.806   1.00 1.17 ? 24 LYS A C    1 
ATOM   397 O  O    . LYS A 1 24 ? 1.865   -2.372  5.627   1.00 1.26 ? 24 LYS A O    1 
ATOM   398 C  CB   . LYS A 1 24 ? -0.485  -0.751  4.416   1.00 1.09 ? 24 LYS A CB   1 
ATOM   399 C  CG   . LYS A 1 24 ? 0.130   -0.146  5.679   1.00 1.68 ? 24 LYS A CG   1 
ATOM   400 C  CD   . LYS A 1 24 ? -0.570  1.176   6.000   1.00 2.28 ? 24 LYS A CD   1 
ATOM   401 C  CE   . LYS A 1 24 ? 0.187   1.898   7.118   1.00 2.78 ? 24 LYS A CE   1 
ATOM   402 N  NZ   . LYS A 1 24 ? 0.278   3.351   6.798   1.00 3.32 ? 24 LYS A NZ   1 
ATOM   403 H  H    . LYS A 1 24 ? -1.121  -2.328  2.507   1.00 0.90 ? 24 LYS A H    1 
ATOM   404 H  HA   . LYS A 1 24 ? 1.338   -1.144  3.359   1.00 1.01 ? 24 LYS A HA   1 
ATOM   405 H  HB2  . LYS A 1 24 ? -0.729  0.040   3.719   1.00 1.42 ? 24 LYS A HB2  1 
ATOM   406 H  HB3  . LYS A 1 24 ? -1.382  -1.290  4.676   1.00 1.42 ? 24 LYS A HB3  1 
ATOM   407 H  HG2  . LYS A 1 24 ? 0.002   -0.832  6.505   1.00 2.22 ? 24 LYS A HG2  1 
ATOM   408 H  HG3  . LYS A 1 24 ? 1.182   0.034   5.518   1.00 2.07 ? 24 LYS A HG3  1 
ATOM   409 H  HD2  . LYS A 1 24 ? -0.585  1.798   5.116   1.00 2.62 ? 24 LYS A HD2  1 
ATOM   410 H  HD3  . LYS A 1 24 ? -1.581  0.981   6.321   1.00 2.76 ? 24 LYS A HD3  1 
ATOM   411 H  HE2  . LYS A 1 24 ? -0.341  1.768   8.051   1.00 3.23 ? 24 LYS A HE2  1 
ATOM   412 H  HE3  . LYS A 1 24 ? 1.181   1.485   7.205   1.00 3.00 ? 24 LYS A HE3  1 
ATOM   413 H  HZ1  . LYS A 1 24 ? -0.635  3.681   6.423   1.00 3.63 ? 24 LYS A HZ1  1 
ATOM   414 H  HZ2  . LYS A 1 24 ? 0.513   3.882   7.660   1.00 3.59 ? 24 LYS A HZ2  1 
ATOM   415 H  HZ3  . LYS A 1 24 ? 1.021   3.503   6.086   1.00 3.68 ? 24 LYS A HZ3  1 
ATOM   416 N  N    . ARG A 1 25 ? 0.550   -3.913  4.783   1.00 1.24 ? 25 ARG A N    1 
ATOM   417 C  CA   . ARG A 1 25 ? 1.021   -4.920  5.776   1.00 1.40 ? 25 ARG A CA   1 
ATOM   418 C  C    . ARG A 1 25 ? 2.346   -5.519  5.306   1.00 1.38 ? 25 ARG A C    1 
ATOM   419 O  O    . ARG A 1 25 ? 3.072   -6.125  6.067   1.00 1.47 ? 25 ARG A O    1 
ATOM   420 C  CB   . ARG A 1 25 ? -0.024  -6.030  5.917   1.00 1.52 ? 25 ARG A CB   1 
ATOM   421 C  CG   . ARG A 1 25 ? -1.364  -5.420  6.333   1.00 1.88 ? 25 ARG A CG   1 
ATOM   422 C  CD   . ARG A 1 25 ? -2.382  -6.538  6.570   1.00 2.49 ? 25 ARG A CD   1 
ATOM   423 N  NE   . ARG A 1 25 ? -2.292  -7.003  7.983   1.00 3.10 ? 25 ARG A NE   1 
ATOM   424 C  CZ   . ARG A 1 25 ? -3.248  -7.729  8.493   1.00 3.61 ? 25 ARG A CZ   1 
ATOM   425 N  NH1  . ARG A 1 25 ? -3.249  -9.023  8.322   1.00 4.22 ? 25 ARG A NH1  1 
ATOM   426 N  NH2  . ARG A 1 25 ? -4.206  -7.160  9.174   1.00 3.92 ? 25 ARG A NH2  1 
ATOM   427 H  H    . ARG A 1 25 ? -0.121  -4.162  4.113   1.00 1.22 ? 25 ARG A H    1 
ATOM   428 H  HA   . ARG A 1 25 ? 1.167   -4.439  6.730   1.00 1.48 ? 25 ARG A HA   1 
ATOM   429 H  HB2  . ARG A 1 25 ? -0.137  -6.538  4.970   1.00 1.72 ? 25 ARG A HB2  1 
ATOM   430 H  HB3  . ARG A 1 25 ? 0.298   -6.736  6.668   1.00 1.74 ? 25 ARG A HB3  1 
ATOM   431 H  HG2  . ARG A 1 25 ? -1.232  -4.852  7.244   1.00 2.25 ? 25 ARG A HG2  1 
ATOM   432 H  HG3  . ARG A 1 25 ? -1.722  -4.770  5.550   1.00 2.21 ? 25 ARG A HG3  1 
ATOM   433 H  HD2  . ARG A 1 25 ? -3.377  -6.165  6.378   1.00 2.79 ? 25 ARG A HD2  1 
ATOM   434 H  HD3  . ARG A 1 25 ? -2.171  -7.363  5.906   1.00 2.92 ? 25 ARG A HD3  1 
ATOM   435 H  HE   . ARG A 1 25 ? -1.513  -6.763  8.529   1.00 3.45 ? 25 ARG A HE   1 
ATOM   436 H  HH11 . ARG A 1 25 ? -2.515  -9.458  7.800   1.00 4.34 ? 25 ARG A HH11 1 
ATOM   437 H  HH12 . ARG A 1 25 ? -3.982  -9.579  8.713   1.00 4.78 ? 25 ARG A HH12 1 
ATOM   438 H  HH21 . ARG A 1 25 ? -4.205  -6.169  9.305   1.00 3.91 ? 25 ARG A HH21 1 
ATOM   439 H  HH22 . ARG A 1 25 ? -4.939  -7.716  9.565   1.00 4.43 ? 25 ARG A HH22 1 
ATOM   440 N  N    . THR A 1 26 ? 2.666   -5.347  4.056   1.00 1.30 ? 26 THR A N    1 
ATOM   441 C  CA   . THR A 1 26 ? 3.946   -5.898  3.530   1.00 1.34 ? 26 THR A CA   1 
ATOM   442 C  C    . THR A 1 26 ? 5.031   -4.821  3.606   1.00 1.31 ? 26 THR A C    1 
ATOM   443 O  O    . THR A 1 26 ? 6.161   -5.036  3.215   1.00 1.42 ? 26 THR A O    1 
ATOM   444 C  CB   . THR A 1 26 ? 3.757   -6.331  2.073   1.00 1.29 ? 26 THR A CB   1 
ATOM   445 O  OG1  . THR A 1 26 ? 2.624   -7.182  1.976   1.00 2.04 ? 26 THR A OG1  1 
ATOM   446 C  CG2  . THR A 1 26 ? 5.002   -7.079  1.597   1.00 1.90 ? 26 THR A CG2  1 
ATOM   447 H  H    . THR A 1 26 ? 2.065   -4.852  3.464   1.00 1.25 ? 26 THR A H    1 
ATOM   448 H  HA   . THR A 1 26 ? 4.242   -6.750  4.123   1.00 1.45 ? 26 THR A HA   1 
ATOM   449 H  HB   . THR A 1 26 ? 3.608   -5.459  1.455   1.00 1.37 ? 26 THR A HB   1 
ATOM   450 H  HG1  . THR A 1 26 ? 1.937   -6.827  2.544   1.00 2.41 ? 26 THR A HG1  1 
ATOM   451 H  HG21 . THR A 1 26 ? 5.681   -7.212  2.426   1.00 2.39 ? 26 THR A HG21 1 
ATOM   452 H  HG22 . THR A 1 26 ? 4.715   -8.044  1.207   1.00 2.35 ? 26 THR A HG22 1 
ATOM   453 H  HG23 . THR A 1 26 ? 5.490   -6.509  0.820   1.00 2.34 ? 26 THR A HG23 1 
ATOM   454 N  N    . HIS A 1 27 ? 4.695   -3.661  4.106   1.00 1.23 ? 27 HIS A N    1 
ATOM   455 C  CA   . HIS A 1 27 ? 5.705   -2.571  4.204   1.00 1.26 ? 27 HIS A CA   1 
ATOM   456 C  C    . HIS A 1 27 ? 6.361   -2.604  5.585   1.00 1.44 ? 27 HIS A C    1 
ATOM   457 O  O    . HIS A 1 27 ? 7.528   -2.300  5.735   1.00 1.63 ? 27 HIS A O    1 
ATOM   458 C  CB   . HIS A 1 27 ? 5.015   -1.219  4.002   1.00 1.19 ? 27 HIS A CB   1 
ATOM   459 C  CG   . HIS A 1 27 ? 5.282   -0.724  2.608   1.00 1.04 ? 27 HIS A CG   1 
ATOM   460 N  ND1  . HIS A 1 27 ? 6.564   -0.618  2.095   1.00 0.96 ? 27 HIS A ND1  1 
ATOM   461 C  CD2  . HIS A 1 27 ? 4.441   -0.303  1.606   1.00 0.99 ? 27 HIS A CD2  1 
ATOM   462 C  CE1  . HIS A 1 27 ? 6.462   -0.150  0.838   1.00 0.88 ? 27 HIS A CE1  1 
ATOM   463 N  NE2  . HIS A 1 27 ? 5.189   0.059   0.488   1.00 0.89 ? 27 HIS A NE2  1 
ATOM   464 H  H    . HIS A 1 27 ? 3.778   -3.506  4.414   1.00 1.20 ? 27 HIS A H    1 
ATOM   465 H  HA   . HIS A 1 27 ? 6.458   -2.708  3.443   1.00 1.25 ? 27 HIS A HA   1 
ATOM   466 H  HB2  . HIS A 1 27 ? 3.951   -1.332  4.147   1.00 1.23 ? 27 HIS A HB2  1 
ATOM   467 H  HB3  . HIS A 1 27 ? 5.403   -0.508  4.716   1.00 1.26 ? 27 HIS A HB3  1 
ATOM   468 H  HD1  . HIS A 1 27 ? 7.395   -0.844  2.563   1.00 0.99 ? 27 HIS A HD1  1 
ATOM   469 H  HD2  . HIS A 1 27 ? 3.363   -0.259  1.677   1.00 1.06 ? 27 HIS A HD2  1 
ATOM   470 H  HE1  . HIS A 1 27 ? 7.306   0.031   0.191   1.00 0.86 ? 27 HIS A HE1  1 
ATOM   471 N  N    . THR A 1 28 ? 5.622   -2.968  6.597   1.00 1.46 ? 28 THR A N    1 
ATOM   472 C  CA   . THR A 1 28 ? 6.208   -3.016  7.966   1.00 1.66 ? 28 THR A CA   1 
ATOM   473 C  C    . THR A 1 28 ? 5.943   -4.385  8.592   1.00 1.07 ? 28 THR A C    1 
ATOM   474 O  O    . THR A 1 28 ? 5.266   -4.499  9.595   1.00 1.71 ? 28 THR A O    1 
ATOM   475 C  CB   . THR A 1 28 ? 5.570   -1.926  8.831   1.00 2.76 ? 28 THR A CB   1 
ATOM   476 O  OG1  . THR A 1 28 ? 5.337   -0.770  8.038   1.00 3.54 ? 28 THR A OG1  1 
ATOM   477 C  CG2  . THR A 1 28 ? 6.508   -1.575  9.987   1.00 3.45 ? 28 THR A CG2  1 
ATOM   478 H  H    . THR A 1 28 ? 4.681   -3.208  6.457   1.00 1.41 ? 28 THR A H    1 
ATOM   479 H  HA   . THR A 1 28 ? 7.273   -2.848  7.906   1.00 2.17 ? 28 THR A HA   1 
ATOM   480 H  HB   . THR A 1 28 ? 4.633   -2.284  9.229   1.00 3.11 ? 28 THR A HB   1 
ATOM   481 H  HG1  . THR A 1 28 ? 4.800   -0.162  8.550   1.00 4.01 ? 28 THR A HG1  1 
ATOM   482 H  HG21 . THR A 1 28 ? 7.273   -2.331  10.072  1.00 3.93 ? 28 THR A HG21 1 
ATOM   483 H  HG22 . THR A 1 28 ? 6.967   -0.616  9.798   1.00 3.89 ? 28 THR A HG22 1 
ATOM   484 H  HG23 . THR A 1 28 ? 5.942   -1.529  10.906  1.00 3.60 ? 28 THR A HG23 1 
ATOM   485 N  N    . GLY A 1 29 ? 6.470   -5.427  8.010   1.00 1.29 ? 29 GLY A N    1 
ATOM   486 C  CA   . GLY A 1 29 ? 6.248   -6.787  8.577   1.00 2.39 ? 29 GLY A CA   1 
ATOM   487 C  C    . GLY A 1 29 ? 7.308   -7.076  9.641   1.00 2.77 ? 29 GLY A C    1 
ATOM   488 O  O    . GLY A 1 29 ? 7.551   -6.273  10.521  1.00 3.44 ? 29 GLY A O    1 
ATOM   489 H  H    . GLY A 1 29 ? 7.014   -5.314  7.203   1.00 1.47 ? 29 GLY A H    1 
ATOM   490 H  HA2  . GLY A 1 29 ? 5.264   -6.833  9.023   1.00 3.02 ? 29 GLY A HA2  1 
ATOM   491 H  HA3  . GLY A 1 29 ? 6.322   -7.522  7.790   1.00 2.96 ? 29 GLY A HA3  1 
ATOM   492 N  N    . GLU A 1 30 ? 7.946   -8.214  9.569   1.00 3.05 ? 30 GLU A N    1 
ATOM   493 C  CA   . GLU A 1 30 ? 8.990   -8.549  10.578  1.00 4.02 ? 30 GLU A CA   1 
ATOM   494 C  C    . GLU A 1 30 ? 8.491   -8.175  11.976  1.00 4.26 ? 30 GLU A C    1 
ATOM   495 O  O    . GLU A 1 30 ? 8.826   -7.134  12.507  1.00 4.39 ? 30 GLU A O    1 
ATOM   496 C  CB   . GLU A 1 30 ? 10.269  -7.767  10.267  1.00 4.83 ? 30 GLU A CB   1 
ATOM   497 C  CG   . GLU A 1 30 ? 10.864  -8.264  8.949   1.00 5.56 ? 30 GLU A CG   1 
ATOM   498 C  CD   . GLU A 1 30 ? 10.652  -7.208  7.862   1.00 6.44 ? 30 GLU A CD   1 
ATOM   499 O  OE1  . GLU A 1 30 ? 10.947  -6.053  8.121   1.00 6.78 ? 30 GLU A OE1  1 
ATOM   500 O  OE2  . GLU A 1 30 ? 10.196  -7.573  6.792   1.00 7.01 ? 30 GLU A OE2  1 
ATOM   501 H  H    . GLU A 1 30 ? 7.738   -8.848  8.851   1.00 3.04 ? 30 GLU A H    1 
ATOM   502 H  HA   . GLU A 1 30 ? 9.198   -9.608  10.543  1.00 4.48 ? 30 GLU A HA   1 
ATOM   503 H  HB2  . GLU A 1 30 ? 10.037  -6.715  10.185  1.00 4.88 ? 30 GLU A HB2  1 
ATOM   504 H  HB3  . GLU A 1 30 ? 10.984  -7.917  11.062  1.00 5.26 ? 30 GLU A HB3  1 
ATOM   505 H  HG2  . GLU A 1 30 ? 11.923  -8.441  9.076   1.00 5.71 ? 30 GLU A HG2  1 
ATOM   506 H  HG3  . GLU A 1 30 ? 10.378  -9.182  8.657   1.00 5.71 ? 30 GLU A HG3  1 
ATOM   507 N  N    . LYS A 1 31 ? 7.696   -9.016  12.578  1.00 4.85 ? 31 LYS A N    1 
ATOM   508 C  CA   . LYS A 1 31 ? 7.179   -8.707  13.942  1.00 5.58 ? 31 LYS A CA   1 
ATOM   509 C  C    . LYS A 1 31 ? 7.487   -9.876  14.880  1.00 6.27 ? 31 LYS A C    1 
ATOM   510 O  O    . LYS A 1 31 ? 8.008   -10.871 14.404  1.00 6.66 ? 31 LYS A O    1 
ATOM   511 C  CB   . LYS A 1 31 ? 5.666   -8.491  13.878  1.00 6.15 ? 31 LYS A CB   1 
ATOM   512 C  CG   . LYS A 1 31 ? 4.991   -9.761  13.355  1.00 6.70 ? 31 LYS A CG   1 
ATOM   513 C  CD   . LYS A 1 31 ? 3.754   -9.381  12.537  1.00 7.60 ? 31 LYS A CD   1 
ATOM   514 C  CE   . LYS A 1 31 ? 2.652   -8.885  13.477  1.00 8.36 ? 31 LYS A CE   1 
ATOM   515 N  NZ   . LYS A 1 31 ? 1.541   -8.302  12.674  1.00 8.96 ? 31 LYS A NZ   1 
ATOM   516 O  OXT  . LYS A 1 31 ? 7.196   -9.756  16.059  1.00 6.71 ? 31 LYS A OXT  1 
ATOM   517 H  H    . LYS A 1 31 ? 7.438   -9.851  12.134  1.00 5.10 ? 31 LYS A H    1 
ATOM   518 H  HA   . LYS A 1 31 ? 7.655   -7.812  14.313  1.00 5.65 ? 31 LYS A HA   1 
ATOM   519 H  HB2  . LYS A 1 31 ? 5.293   -8.266  14.867  1.00 5.95 ? 31 LYS A HB2  1 
ATOM   520 H  HB3  . LYS A 1 31 ? 5.446   -7.669  13.213  1.00 6.72 ? 31 LYS A HB3  1 
ATOM   521 H  HG2  . LYS A 1 31 ? 5.684   -10.306 12.731  1.00 6.86 ? 31 LYS A HG2  1 
ATOM   522 H  HG3  . LYS A 1 31 ? 4.693   -10.380 14.189  1.00 6.63 ? 31 LYS A HG3  1 
ATOM   523 H  HD2  . LYS A 1 31 ? 4.012   -8.600  11.838  1.00 7.61 ? 31 LYS A HD2  1 
ATOM   524 H  HD3  . LYS A 1 31 ? 3.401   -10.247 11.997  1.00 7.95 ? 31 LYS A HD3  1 
ATOM   525 H  HE2  . LYS A 1 31 ? 2.278   -9.713  14.061  1.00 8.68 ? 31 LYS A HE2  1 
ATOM   526 H  HE3  . LYS A 1 31 ? 3.055   -8.131  14.136  1.00 8.42 ? 31 LYS A HE3  1 
ATOM   527 H  HZ1  . LYS A 1 31 ? 1.920   -7.918  11.784  1.00 9.08 ? 31 LYS A HZ1  1 
ATOM   528 H  HZ2  . LYS A 1 31 ? 0.841   -9.040  12.460  1.00 9.27 ? 31 LYS A HZ2  1 
ATOM   529 H  HZ3  . LYS A 1 31 ? 1.087   -7.538  13.216  1.00 9.17 ? 31 LYS A HZ3  1 
HETATM 530 ZN ZN   . ZN  B 2 .  ? 3.594   0.528   -0.834  1.00 0.72 ? 32 ZN  A ZN   1 
# 
